data_5WUZ
#
_entry.id   5WUZ
#
_entity_poly.entity_id   1
_entity_poly.type   'polypeptide(L)'
_entity_poly.pdbx_seq_one_letter_code
;QNCGRQAGNRACANQLCCSQYGFCGSTSEYCSRANGCQSNCRG
;
_entity_poly.pdbx_strand_id   A
#
# COMPACT_ATOMS: atom_id res chain seq x y z
N GLN A 1 -0.31 8.78 3.68
CA GLN A 1 0.37 8.27 2.47
C GLN A 1 1.81 7.88 2.77
N ASN A 2 2.24 6.73 2.23
CA ASN A 2 3.60 6.23 2.44
C ASN A 2 4.24 5.77 1.13
N CYS A 3 3.41 5.51 0.10
CA CYS A 3 3.89 5.02 -1.20
C CYS A 3 2.76 5.04 -2.23
N GLY A 4 3.08 4.58 -3.46
CA GLY A 4 2.10 4.52 -4.52
C GLY A 4 2.52 5.29 -5.76
N ARG A 5 1.57 5.50 -6.69
CA ARG A 5 1.83 6.20 -7.96
C ARG A 5 1.99 7.72 -7.75
N GLN A 6 1.70 8.17 -6.54
CA GLN A 6 1.78 9.59 -6.19
C GLN A 6 3.10 9.95 -5.49
N ALA A 7 3.73 8.95 -4.87
CA ALA A 7 5.00 9.14 -4.17
C ALA A 7 6.22 8.81 -5.05
N GLY A 8 5.96 8.55 -6.34
CA GLY A 8 7.02 8.20 -7.28
C GLY A 8 7.21 6.69 -7.38
N ASN A 9 6.18 5.95 -6.93
CA ASN A 9 6.15 4.48 -6.93
C ASN A 9 7.24 3.88 -6.04
N ARG A 10 6.93 3.81 -4.74
CA ARG A 10 7.85 3.26 -3.73
C ARG A 10 7.26 1.96 -3.17
N ALA A 11 7.70 1.54 -1.96
CA ALA A 11 7.18 0.33 -1.32
C ALA A 11 7.09 0.51 0.18
N CYS A 12 6.03 -0.04 0.78
CA CYS A 12 5.82 0.06 2.23
C CYS A 12 6.23 -1.24 2.92
N ALA A 13 7.23 -1.13 3.82
CA ALA A 13 7.76 -2.29 4.56
C ALA A 13 7.87 -1.99 6.07
N ASN A 14 7.08 -1.03 6.56
CA ASN A 14 7.11 -0.65 7.98
C ASN A 14 6.04 -1.42 8.78
N GLN A 15 4.80 -0.92 8.75
CA GLN A 15 3.66 -1.53 9.46
C GLN A 15 2.37 -1.42 8.65
N LEU A 16 2.33 -0.44 7.75
CA LEU A 16 1.15 -0.21 6.90
C LEU A 16 1.34 -0.87 5.52
N CYS A 17 0.49 -0.51 4.53
CA CYS A 17 0.59 -1.13 3.20
C CYS A 17 0.22 -0.20 2.05
N CYS A 18 1.05 -0.32 1.02
CA CYS A 18 0.91 0.43 -0.23
C CYS A 18 0.29 -0.39 -1.33
N SER A 19 -0.32 0.31 -2.29
CA SER A 19 -0.94 -0.30 -3.46
C SER A 19 -0.68 0.55 -4.71
N GLN A 20 -0.88 -0.04 -5.90
CA GLN A 20 -0.67 0.67 -7.17
C GLN A 20 -1.78 1.72 -7.41
N TYR A 21 -1.62 2.87 -6.74
CA TYR A 21 -2.58 3.98 -6.82
C TYR A 21 -1.90 5.30 -6.44
N GLY A 22 -1.34 5.30 -5.23
CA GLY A 22 -0.67 6.48 -4.69
C GLY A 22 -0.91 6.62 -3.21
N PHE A 23 -1.51 5.60 -2.59
CA PHE A 23 -1.81 5.63 -1.17
C PHE A 23 -1.32 4.36 -0.45
N CYS A 24 -0.80 4.58 0.76
CA CYS A 24 -0.32 3.51 1.64
C CYS A 24 -0.84 3.76 3.05
N GLY A 25 -1.35 2.70 3.69
CA GLY A 25 -1.92 2.81 5.04
C GLY A 25 -2.45 1.49 5.56
N SER A 26 -3.71 1.50 6.03
CA SER A 26 -4.34 0.30 6.58
C SER A 26 -5.77 0.09 6.07
N THR A 27 -6.37 1.15 5.52
CA THR A 27 -7.75 1.11 5.00
C THR A 27 -7.87 0.18 3.78
N SER A 28 -9.11 -0.23 3.48
CA SER A 28 -9.40 -1.14 2.37
C SER A 28 -9.42 -0.41 1.01
N GLU A 29 -8.27 0.16 0.67
CA GLU A 29 -8.07 0.89 -0.59
C GLU A 29 -6.61 0.77 -0.99
N TYR A 30 -5.76 0.88 0.02
CA TYR A 30 -4.31 0.78 -0.13
C TYR A 30 -3.83 -0.57 0.39
N CYS A 31 -4.56 -1.12 1.35
CA CYS A 31 -4.22 -2.40 1.96
C CYS A 31 -5.44 -3.34 1.96
N SER A 32 -5.56 -4.11 0.87
CA SER A 32 -6.67 -5.06 0.73
C SER A 32 -6.13 -6.47 0.49
N ARG A 33 -6.90 -7.48 0.88
CA ARG A 33 -6.48 -8.88 0.73
C ARG A 33 -7.05 -9.52 -0.54
N ALA A 34 -8.13 -8.95 -1.08
CA ALA A 34 -8.77 -9.46 -2.29
C ALA A 34 -8.78 -8.44 -3.43
N ASN A 35 -8.41 -7.19 -3.11
CA ASN A 35 -8.40 -6.10 -4.10
C ASN A 35 -7.09 -5.29 -4.05
N GLY A 36 -6.22 -5.59 -3.09
CA GLY A 36 -4.97 -4.86 -2.95
C GLY A 36 -3.78 -5.73 -2.59
N CYS A 37 -3.09 -5.35 -1.50
CA CYS A 37 -1.89 -6.04 -0.98
C CYS A 37 -0.79 -6.14 -2.04
N GLN A 38 -0.15 -5.00 -2.31
CA GLN A 38 0.94 -4.93 -3.27
C GLN A 38 2.26 -4.85 -2.51
N SER A 39 2.28 -3.97 -1.49
CA SER A 39 3.43 -3.81 -0.62
C SER A 39 3.34 -4.77 0.57
N ASN A 40 4.16 -4.57 1.61
CA ASN A 40 4.15 -5.43 2.80
C ASN A 40 2.91 -5.17 3.66
N CYS A 41 1.82 -5.86 3.31
CA CYS A 41 0.54 -5.73 4.02
C CYS A 41 0.41 -6.78 5.12
N ARG A 42 -0.42 -6.47 6.14
CA ARG A 42 -0.69 -7.36 7.31
C ARG A 42 0.51 -7.48 8.25
N GLY A 43 1.71 -7.48 7.69
CA GLY A 43 2.93 -7.61 8.48
C GLY A 43 3.53 -9.00 8.40
N GLN A 1 0.50 8.91 3.52
CA GLN A 1 0.99 8.30 2.26
C GLN A 1 2.45 7.89 2.39
N ASN A 2 2.76 6.67 1.94
CA ASN A 2 4.12 6.14 2.00
C ASN A 2 4.57 5.60 0.65
N CYS A 3 3.62 5.05 -0.12
CA CYS A 3 3.93 4.44 -1.42
C CYS A 3 2.69 4.37 -2.32
N GLY A 4 2.93 4.07 -3.60
CA GLY A 4 1.85 3.93 -4.58
C GLY A 4 2.28 4.37 -5.97
N ARG A 5 1.68 5.45 -6.46
CA ARG A 5 1.97 5.99 -7.79
C ARG A 5 2.26 7.50 -7.72
N GLN A 6 1.79 8.13 -6.63
CA GLN A 6 1.97 9.58 -6.41
C GLN A 6 3.28 9.92 -5.72
N ALA A 7 3.78 8.98 -4.92
CA ALA A 7 5.03 9.15 -4.17
C ALA A 7 6.26 8.74 -5.02
N GLY A 8 6.03 8.55 -6.32
CA GLY A 8 7.10 8.13 -7.23
C GLY A 8 7.21 6.62 -7.33
N ASN A 9 6.11 5.93 -6.97
CA ASN A 9 6.01 4.45 -6.98
C ASN A 9 7.11 3.80 -6.12
N ARG A 10 6.92 3.87 -4.80
CA ARG A 10 7.85 3.30 -3.82
C ARG A 10 7.29 1.99 -3.24
N ALA A 11 7.75 1.61 -2.03
CA ALA A 11 7.29 0.40 -1.35
C ALA A 11 7.20 0.63 0.15
N CYS A 12 6.13 0.11 0.78
CA CYS A 12 5.94 0.26 2.23
C CYS A 12 6.49 -0.95 2.98
N ALA A 13 7.45 -0.70 3.87
CA ALA A 13 8.08 -1.77 4.66
C ALA A 13 8.16 -1.42 6.16
N ASN A 14 7.27 -0.53 6.62
CA ASN A 14 7.24 -0.11 8.02
C ASN A 14 6.23 -0.93 8.83
N GLN A 15 4.94 -0.58 8.69
CA GLN A 15 3.85 -1.28 9.39
C GLN A 15 2.59 -1.34 8.53
N LEU A 16 2.42 -0.33 7.69
CA LEU A 16 1.27 -0.22 6.78
C LEU A 16 1.63 -0.77 5.39
N CYS A 17 0.68 -0.69 4.44
CA CYS A 17 0.90 -1.22 3.09
C CYS A 17 0.27 -0.34 2.01
N CYS A 18 0.93 -0.31 0.85
CA CYS A 18 0.48 0.48 -0.29
C CYS A 18 -0.02 -0.37 -1.46
N SER A 19 -0.65 0.34 -2.40
CA SER A 19 -1.17 -0.21 -3.65
C SER A 19 -0.72 0.65 -4.83
N GLN A 20 -0.91 0.15 -6.07
CA GLN A 20 -0.53 0.89 -7.27
C GLN A 20 -1.56 2.01 -7.57
N TYR A 21 -1.55 3.03 -6.70
CA TYR A 21 -2.46 4.17 -6.80
C TYR A 21 -1.79 5.45 -6.29
N GLY A 22 -1.21 5.35 -5.10
CA GLY A 22 -0.56 6.48 -4.45
C GLY A 22 -0.96 6.60 -2.99
N PHE A 23 -1.45 5.49 -2.40
CA PHE A 23 -1.88 5.49 -1.02
C PHE A 23 -1.38 4.25 -0.24
N CYS A 24 -0.73 4.53 0.89
CA CYS A 24 -0.27 3.51 1.82
C CYS A 24 -1.05 3.63 3.12
N GLY A 25 -1.37 2.49 3.75
CA GLY A 25 -2.12 2.50 5.00
C GLY A 25 -2.57 1.12 5.45
N SER A 26 -3.84 1.02 5.87
CA SER A 26 -4.41 -0.25 6.34
C SER A 26 -5.85 -0.44 5.87
N THR A 27 -6.53 0.66 5.53
CA THR A 27 -7.93 0.64 5.07
C THR A 27 -8.08 -0.20 3.79
N SER A 28 -9.35 -0.53 3.45
CA SER A 28 -9.66 -1.37 2.28
C SER A 28 -9.61 -0.57 0.96
N GLU A 29 -8.41 -0.10 0.64
CA GLU A 29 -8.14 0.66 -0.60
C GLU A 29 -6.66 0.50 -0.93
N TYR A 30 -5.86 0.49 0.14
CA TYR A 30 -4.41 0.33 0.06
C TYR A 30 -3.99 -1.04 0.58
N CYS A 31 -4.85 -1.67 1.38
CA CYS A 31 -4.60 -2.99 1.94
C CYS A 31 -5.85 -3.86 1.91
N SER A 32 -6.02 -4.61 0.82
CA SER A 32 -7.15 -5.50 0.65
C SER A 32 -6.69 -6.96 0.59
N ARG A 33 -6.06 -7.32 -0.54
CA ARG A 33 -5.52 -8.68 -0.75
C ARG A 33 -4.73 -8.76 -2.06
N ALA A 34 -5.36 -8.30 -3.14
CA ALA A 34 -4.75 -8.30 -4.48
C ALA A 34 -4.98 -6.97 -5.19
N ASN A 35 -6.05 -6.28 -4.80
CA ASN A 35 -6.41 -4.98 -5.38
C ASN A 35 -5.86 -3.83 -4.55
N GLY A 36 -5.69 -4.07 -3.25
CA GLY A 36 -5.17 -3.07 -2.34
C GLY A 36 -3.83 -3.44 -1.75
N CYS A 37 -3.80 -4.55 -1.01
CA CYS A 37 -2.58 -5.04 -0.36
C CYS A 37 -1.54 -5.53 -1.38
N GLN A 38 -0.57 -4.65 -1.69
CA GLN A 38 0.50 -4.98 -2.64
C GLN A 38 1.83 -4.98 -1.92
N SER A 39 2.05 -3.93 -1.10
CA SER A 39 3.27 -3.79 -0.31
C SER A 39 3.30 -4.78 0.87
N ASN A 40 4.05 -4.43 1.92
CA ASN A 40 4.16 -5.26 3.13
C ASN A 40 2.87 -5.17 3.96
N CYS A 41 1.88 -5.96 3.56
CA CYS A 41 0.58 -5.99 4.24
C CYS A 41 0.45 -7.24 5.13
N ARG A 42 -0.35 -8.22 4.70
CA ARG A 42 -0.55 -9.46 5.46
C ARG A 42 0.45 -10.55 5.04
N GLY A 43 0.98 -10.42 3.82
CA GLY A 43 1.94 -11.38 3.30
C GLY A 43 1.62 -11.82 1.88
N GLN A 1 -0.46 8.99 3.44
CA GLN A 1 0.16 8.36 2.24
C GLN A 1 1.61 8.00 2.52
N ASN A 2 2.01 6.81 2.06
CA ASN A 2 3.39 6.32 2.26
C ASN A 2 4.01 5.86 0.94
N CYS A 3 3.16 5.49 -0.04
CA CYS A 3 3.63 4.99 -1.35
C CYS A 3 2.46 4.86 -2.34
N GLY A 4 2.77 4.42 -3.56
CA GLY A 4 1.76 4.23 -4.60
C GLY A 4 2.26 4.62 -5.97
N ARG A 5 1.65 5.65 -6.55
CA ARG A 5 2.02 6.14 -7.88
C ARG A 5 2.31 7.65 -7.85
N GLN A 6 1.87 8.29 -6.75
CA GLN A 6 2.04 9.73 -6.55
C GLN A 6 3.34 10.08 -5.84
N ALA A 7 3.82 9.15 -5.00
CA ALA A 7 5.06 9.34 -4.24
C ALA A 7 6.30 8.91 -5.03
N GLY A 8 6.11 8.70 -6.35
CA GLY A 8 7.20 8.27 -7.22
C GLY A 8 7.31 6.75 -7.29
N ASN A 9 6.20 6.06 -6.96
CA ASN A 9 6.10 4.59 -6.96
C ASN A 9 7.16 3.95 -6.04
N ARG A 10 6.91 4.06 -4.72
CA ARG A 10 7.80 3.50 -3.70
C ARG A 10 7.24 2.17 -3.18
N ALA A 11 7.66 1.75 -1.98
CA ALA A 11 7.17 0.50 -1.37
C ALA A 11 7.08 0.63 0.15
N CYS A 12 6.00 0.06 0.71
CA CYS A 12 5.77 0.09 2.16
C CYS A 12 6.16 -1.24 2.79
N ALA A 13 7.15 -1.18 3.71
CA ALA A 13 7.63 -2.39 4.40
C ALA A 13 7.91 -2.14 5.89
N ASN A 14 7.19 -1.17 6.49
CA ASN A 14 7.36 -0.83 7.90
C ASN A 14 6.33 -1.54 8.77
N GLN A 15 5.08 -1.07 8.72
CA GLN A 15 3.97 -1.64 9.49
C GLN A 15 2.67 -1.61 8.69
N LEU A 16 2.57 -0.62 7.81
CA LEU A 16 1.40 -0.43 6.95
C LEU A 16 1.67 -1.04 5.56
N CYS A 17 0.79 -0.78 4.57
CA CYS A 17 0.96 -1.34 3.23
C CYS A 17 0.42 -0.46 2.11
N CYS A 18 1.22 -0.45 1.04
CA CYS A 18 0.96 0.31 -0.18
C CYS A 18 0.28 -0.52 -1.27
N SER A 19 -0.36 0.20 -2.19
CA SER A 19 -1.01 -0.40 -3.36
C SER A 19 -0.74 0.45 -4.60
N GLN A 20 -0.85 -0.16 -5.78
CA GLN A 20 -0.61 0.55 -7.06
C GLN A 20 -1.75 1.55 -7.34
N TYR A 21 -1.62 2.74 -6.72
CA TYR A 21 -2.60 3.82 -6.84
C TYR A 21 -1.98 5.18 -6.50
N GLY A 22 -1.48 5.26 -5.27
CA GLY A 22 -0.89 6.48 -4.75
C GLY A 22 -1.11 6.62 -3.25
N PHE A 23 -1.67 5.56 -2.64
CA PHE A 23 -1.95 5.57 -1.22
C PHE A 23 -1.43 4.30 -0.51
N CYS A 24 -0.93 4.51 0.71
CA CYS A 24 -0.42 3.43 1.55
C CYS A 24 -0.98 3.63 2.98
N GLY A 25 -1.17 2.52 3.70
CA GLY A 25 -1.72 2.58 5.05
C GLY A 25 -2.25 1.23 5.53
N SER A 26 -3.52 1.21 5.97
CA SER A 26 -4.14 -0.02 6.48
C SER A 26 -5.58 -0.21 6.00
N THR A 27 -6.22 0.88 5.58
CA THR A 27 -7.63 0.86 5.12
C THR A 27 -7.80 -0.07 3.89
N SER A 28 -9.06 -0.40 3.58
CA SER A 28 -9.41 -1.30 2.46
C SER A 28 -9.38 -0.60 1.10
N GLU A 29 -8.23 0.01 0.79
CA GLU A 29 -8.01 0.71 -0.49
C GLU A 29 -6.54 0.56 -0.85
N TYR A 30 -5.70 0.75 0.17
CA TYR A 30 -4.25 0.62 0.07
C TYR A 30 -3.83 -0.78 0.51
N CYS A 31 -4.61 -1.32 1.46
CA CYS A 31 -4.39 -2.65 2.00
C CYS A 31 -5.61 -3.52 1.66
N SER A 32 -5.58 -4.08 0.46
CA SER A 32 -6.68 -4.93 -0.03
C SER A 32 -6.54 -6.37 0.42
N ARG A 33 -7.60 -6.86 1.08
CA ARG A 33 -7.66 -8.25 1.56
C ARG A 33 -8.48 -9.12 0.61
N ALA A 34 -9.47 -8.49 -0.02
CA ALA A 34 -10.34 -9.16 -0.98
C ALA A 34 -9.95 -8.81 -2.42
N ASN A 35 -9.39 -7.61 -2.59
CA ASN A 35 -8.94 -7.12 -3.90
C ASN A 35 -7.44 -7.41 -4.12
N GLY A 36 -6.73 -7.69 -3.01
CA GLY A 36 -5.30 -8.00 -3.08
C GLY A 36 -4.40 -6.80 -2.90
N CYS A 37 -3.58 -6.84 -1.83
CA CYS A 37 -2.63 -5.76 -1.52
C CYS A 37 -1.31 -5.98 -2.29
N GLN A 38 -0.40 -5.00 -2.25
CA GLN A 38 0.86 -5.10 -2.99
C GLN A 38 2.08 -5.13 -2.06
N SER A 39 2.20 -4.11 -1.21
CA SER A 39 3.31 -3.99 -0.27
C SER A 39 3.15 -4.94 0.94
N ASN A 40 4.07 -4.84 1.91
CA ASN A 40 4.05 -5.68 3.12
C ASN A 40 2.75 -5.49 3.93
N CYS A 41 1.75 -6.29 3.57
CA CYS A 41 0.44 -6.27 4.22
C CYS A 41 0.21 -7.53 5.03
N ARG A 42 -0.42 -7.38 6.22
CA ARG A 42 -0.73 -8.50 7.14
C ARG A 42 0.53 -9.20 7.68
N GLY A 43 1.70 -8.57 7.48
CA GLY A 43 2.95 -9.13 7.95
C GLY A 43 3.76 -9.78 6.84
N GLN A 1 2.86 10.83 1.51
CA GLN A 1 2.48 9.51 0.96
C GLN A 1 3.59 8.49 1.20
N ASN A 2 3.20 7.23 1.43
CA ASN A 2 4.16 6.14 1.66
C ASN A 2 4.48 5.41 0.35
N CYS A 3 3.50 5.44 -0.57
CA CYS A 3 3.63 4.79 -1.86
C CYS A 3 2.93 5.59 -2.96
N GLY A 4 2.75 4.94 -4.11
CA GLY A 4 2.06 5.55 -5.23
C GLY A 4 2.84 5.53 -6.51
N ARG A 5 2.16 5.92 -7.59
CA ARG A 5 2.77 5.99 -8.92
C ARG A 5 3.43 7.36 -9.14
N GLN A 6 3.40 8.19 -8.08
CA GLN A 6 3.97 9.55 -8.10
C GLN A 6 5.18 9.66 -7.19
N ALA A 7 5.17 8.86 -6.11
CA ALA A 7 6.25 8.84 -5.12
C ALA A 7 7.46 8.00 -5.58
N GLY A 8 7.38 7.51 -6.82
CA GLY A 8 8.45 6.69 -7.39
C GLY A 8 8.17 5.20 -7.29
N ASN A 9 6.87 4.83 -7.28
CA ASN A 9 6.41 3.42 -7.18
C ASN A 9 7.02 2.70 -5.96
N ARG A 10 7.14 3.45 -4.84
CA ARG A 10 7.70 2.93 -3.59
C ARG A 10 6.69 2.05 -2.84
N ALA A 11 7.22 1.20 -1.95
CA ALA A 11 6.39 0.29 -1.16
C ALA A 11 6.41 0.68 0.32
N CYS A 12 5.36 0.28 1.06
CA CYS A 12 5.26 0.59 2.51
C CYS A 12 5.99 -0.48 3.33
N ALA A 13 7.03 -0.06 4.07
CA ALA A 13 7.83 -0.99 4.88
C ALA A 13 8.08 -0.48 6.30
N ASN A 14 7.03 -0.53 7.13
CA ASN A 14 7.09 -0.11 8.54
C ASN A 14 6.02 -0.85 9.33
N GLN A 15 4.76 -0.53 9.00
CA GLN A 15 3.57 -1.13 9.61
C GLN A 15 2.39 -1.00 8.64
N LEU A 16 2.41 0.09 7.88
CA LEU A 16 1.40 0.42 6.87
C LEU A 16 1.48 -0.47 5.64
N CYS A 17 0.47 -0.30 4.77
CA CYS A 17 0.37 -1.06 3.52
C CYS A 17 -0.28 -0.23 2.41
N CYS A 18 0.31 -0.31 1.21
CA CYS A 18 -0.18 0.48 0.06
C CYS A 18 -0.52 -0.35 -1.18
N SER A 19 -0.92 0.39 -2.23
CA SER A 19 -1.27 -0.14 -3.54
C SER A 19 -0.70 0.76 -4.65
N GLN A 20 -0.69 0.27 -5.90
CA GLN A 20 -0.20 1.04 -7.05
C GLN A 20 -1.16 2.18 -7.37
N TYR A 21 -0.98 3.30 -6.65
CA TYR A 21 -1.82 4.50 -6.78
C TYR A 21 -1.22 5.66 -5.99
N GLY A 22 -1.24 5.51 -4.67
CA GLY A 22 -0.72 6.53 -3.77
C GLY A 22 -1.41 6.52 -2.43
N PHE A 23 -1.87 5.34 -2.00
CA PHE A 23 -2.55 5.22 -0.72
C PHE A 23 -1.96 4.10 0.12
N CYS A 24 -1.65 4.44 1.38
CA CYS A 24 -1.09 3.51 2.35
C CYS A 24 -1.81 3.65 3.68
N GLY A 25 -2.01 2.52 4.38
CA GLY A 25 -2.68 2.53 5.67
C GLY A 25 -3.00 1.15 6.19
N SER A 26 -4.25 0.97 6.65
CA SER A 26 -4.71 -0.31 7.19
C SER A 26 -6.09 -0.69 6.68
N THR A 27 -6.80 0.29 6.10
CA THR A 27 -8.16 0.09 5.57
C THR A 27 -8.16 -0.87 4.36
N SER A 28 -9.34 -1.43 4.06
CA SER A 28 -9.52 -2.37 2.96
C SER A 28 -9.64 -1.65 1.60
N GLU A 29 -8.54 -1.02 1.21
CA GLU A 29 -8.43 -0.28 -0.06
C GLU A 29 -6.97 -0.20 -0.47
N TYR A 30 -6.12 -0.11 0.56
CA TYR A 30 -4.68 -0.03 0.41
C TYR A 30 -4.00 -1.26 1.02
N CYS A 31 -4.80 -2.13 1.66
CA CYS A 31 -4.29 -3.34 2.30
C CYS A 31 -5.13 -4.59 1.96
N SER A 32 -5.91 -4.52 0.87
CA SER A 32 -6.75 -5.63 0.43
C SER A 32 -6.05 -6.46 -0.64
N ARG A 33 -6.13 -7.78 -0.52
CA ARG A 33 -5.47 -8.70 -1.47
C ARG A 33 -6.24 -8.82 -2.81
N ALA A 34 -6.72 -7.68 -3.30
CA ALA A 34 -7.47 -7.59 -4.56
C ALA A 34 -7.13 -6.31 -5.30
N ASN A 35 -7.02 -5.22 -4.54
CA ASN A 35 -6.69 -3.89 -5.08
C ASN A 35 -5.87 -3.07 -4.09
N GLY A 36 -5.84 -3.51 -2.82
CA GLY A 36 -5.11 -2.80 -1.78
C GLY A 36 -3.68 -3.30 -1.60
N CYS A 37 -3.52 -4.39 -0.83
CA CYS A 37 -2.21 -4.98 -0.56
C CYS A 37 -1.51 -5.42 -1.85
N GLN A 38 -0.62 -4.56 -2.36
CA GLN A 38 0.12 -4.84 -3.60
C GLN A 38 1.62 -4.75 -3.35
N SER A 39 2.02 -3.75 -2.55
CA SER A 39 3.41 -3.53 -2.21
C SER A 39 3.79 -4.35 -0.97
N ASN A 40 4.75 -3.86 -0.16
CA ASN A 40 5.18 -4.56 1.06
C ASN A 40 4.06 -4.49 2.11
N CYS A 41 3.11 -5.42 1.99
CA CYS A 41 1.95 -5.48 2.88
C CYS A 41 1.89 -6.83 3.60
N ARG A 42 1.30 -6.82 4.82
CA ARG A 42 1.13 -8.02 5.68
C ARG A 42 2.48 -8.67 6.08
N GLY A 43 3.57 -7.92 5.87
CA GLY A 43 4.91 -8.42 6.20
C GLY A 43 5.64 -8.96 4.99
N GLN A 1 -0.20 8.81 3.61
CA GLN A 1 0.32 7.93 2.53
C GLN A 1 1.80 7.60 2.76
N ASN A 2 2.22 6.44 2.24
CA ASN A 2 3.61 5.98 2.39
C ASN A 2 4.20 5.55 1.05
N CYS A 3 3.32 5.26 0.07
CA CYS A 3 3.75 4.79 -1.27
C CYS A 3 2.59 4.78 -2.25
N GLY A 4 2.86 4.34 -3.49
CA GLY A 4 1.85 4.26 -4.53
C GLY A 4 2.32 4.88 -5.84
N ARG A 5 1.36 5.14 -6.74
CA ARG A 5 1.69 5.75 -8.05
C ARG A 5 1.71 7.30 -7.99
N GLN A 6 1.66 7.84 -6.77
CA GLN A 6 1.67 9.29 -6.57
C GLN A 6 2.92 9.75 -5.81
N ALA A 7 3.51 8.83 -5.03
CA ALA A 7 4.72 9.10 -4.25
C ALA A 7 5.99 8.81 -5.05
N GLY A 8 5.82 8.33 -6.28
CA GLY A 8 6.96 8.00 -7.13
C GLY A 8 7.24 6.51 -7.15
N ASN A 9 6.18 5.70 -6.94
CA ASN A 9 6.25 4.22 -6.91
C ASN A 9 7.30 3.71 -5.91
N ARG A 10 6.98 3.86 -4.61
CA ARG A 10 7.84 3.41 -3.52
C ARG A 10 7.32 2.08 -2.96
N ALA A 11 7.71 1.72 -1.73
CA ALA A 11 7.26 0.48 -1.10
C ALA A 11 7.21 0.62 0.42
N CYS A 12 6.18 0.00 1.02
CA CYS A 12 6.00 0.05 2.48
C CYS A 12 6.45 -1.27 3.10
N ALA A 13 7.35 -1.18 4.09
CA ALA A 13 7.90 -2.37 4.77
C ALA A 13 7.94 -2.23 6.30
N ASN A 14 7.43 -1.10 6.82
CA ASN A 14 7.43 -0.85 8.27
C ASN A 14 6.20 -1.47 8.94
N GLN A 15 5.03 -0.89 8.68
CA GLN A 15 3.76 -1.36 9.23
C GLN A 15 2.62 -1.16 8.23
N LEU A 16 2.69 -0.03 7.52
CA LEU A 16 1.71 0.36 6.51
C LEU A 16 1.66 -0.60 5.32
N CYS A 17 0.70 -0.34 4.42
CA CYS A 17 0.52 -1.16 3.23
C CYS A 17 0.13 -0.34 2.01
N CYS A 18 0.97 -0.47 0.98
CA CYS A 18 0.83 0.27 -0.27
C CYS A 18 0.16 -0.54 -1.37
N SER A 19 -0.45 0.18 -2.31
CA SER A 19 -1.11 -0.41 -3.48
C SER A 19 -0.95 0.53 -4.68
N GLN A 20 -1.21 0.00 -5.90
CA GLN A 20 -1.10 0.80 -7.13
C GLN A 20 -2.26 1.81 -7.22
N TYR A 21 -2.07 2.94 -6.52
CA TYR A 21 -3.08 4.01 -6.45
C TYR A 21 -2.44 5.33 -6.01
N GLY A 22 -1.48 5.23 -5.11
CA GLY A 22 -0.79 6.40 -4.58
C GLY A 22 -0.98 6.53 -3.09
N PHE A 23 -1.51 5.48 -2.45
CA PHE A 23 -1.75 5.50 -1.01
C PHE A 23 -1.26 4.22 -0.32
N CYS A 24 -0.78 4.41 0.91
CA CYS A 24 -0.30 3.34 1.78
C CYS A 24 -0.76 3.62 3.21
N GLY A 25 -1.34 2.61 3.88
CA GLY A 25 -1.83 2.80 5.23
C GLY A 25 -2.36 1.53 5.87
N SER A 26 -3.67 1.49 6.14
CA SER A 26 -4.31 0.34 6.78
C SER A 26 -5.72 0.07 6.24
N THR A 27 -6.31 1.07 5.57
CA THR A 27 -7.66 0.96 5.01
C THR A 27 -7.74 -0.03 3.83
N SER A 28 -8.97 -0.44 3.49
CA SER A 28 -9.23 -1.42 2.42
C SER A 28 -9.26 -0.76 1.03
N GLU A 29 -8.18 -0.05 0.71
CA GLU A 29 -8.00 0.62 -0.57
C GLU A 29 -6.53 0.56 -0.95
N TYR A 30 -5.70 0.81 0.06
CA TYR A 30 -4.24 0.75 -0.06
C TYR A 30 -3.75 -0.60 0.44
N CYS A 31 -4.57 -1.20 1.32
CA CYS A 31 -4.30 -2.50 1.89
C CYS A 31 -5.41 -3.48 1.48
N SER A 32 -5.31 -3.99 0.25
CA SER A 32 -6.32 -4.90 -0.30
C SER A 32 -6.18 -6.32 0.27
N ARG A 33 -7.24 -6.77 0.94
CA ARG A 33 -7.29 -8.12 1.52
C ARG A 33 -8.14 -9.05 0.64
N ALA A 34 -9.09 -8.46 -0.09
CA ALA A 34 -9.97 -9.19 -0.99
C ALA A 34 -9.59 -8.94 -2.45
N ASN A 35 -8.99 -7.76 -2.70
CA ASN A 35 -8.55 -7.37 -4.04
C ASN A 35 -7.08 -7.72 -4.27
N GLY A 36 -6.34 -7.90 -3.16
CA GLY A 36 -4.92 -8.24 -3.23
C GLY A 36 -4.01 -7.04 -3.14
N CYS A 37 -3.34 -6.89 -1.99
CA CYS A 37 -2.42 -5.77 -1.76
C CYS A 37 -1.04 -6.07 -2.39
N GLN A 38 -0.21 -5.02 -2.53
CA GLN A 38 1.09 -5.15 -3.18
C GLN A 38 2.25 -5.17 -2.18
N SER A 39 2.46 -4.04 -1.47
CA SER A 39 3.56 -3.91 -0.50
C SER A 39 3.37 -4.80 0.73
N ASN A 40 4.30 -4.69 1.71
CA ASN A 40 4.26 -5.49 2.94
C ASN A 40 2.95 -5.26 3.71
N CYS A 41 1.96 -6.08 3.37
CA CYS A 41 0.63 -6.01 3.96
C CYS A 41 0.27 -7.30 4.68
N ARG A 42 -0.66 -7.19 5.65
CA ARG A 42 -1.15 -8.35 6.47
C ARG A 42 -0.05 -8.98 7.33
N GLY A 43 1.12 -8.32 7.41
CA GLY A 43 2.23 -8.82 8.20
C GLY A 43 3.26 -9.54 7.36
N GLN A 1 0.18 9.34 3.47
CA GLN A 1 0.75 8.67 2.27
C GLN A 1 2.23 8.36 2.47
N ASN A 2 2.60 7.12 2.15
CA ASN A 2 4.00 6.67 2.29
C ASN A 2 4.54 6.15 0.96
N CYS A 3 3.71 5.37 0.26
CA CYS A 3 4.09 4.77 -1.01
C CYS A 3 2.86 4.49 -1.90
N GLY A 4 3.10 3.84 -3.04
CA GLY A 4 2.03 3.50 -3.97
C GLY A 4 2.39 3.77 -5.42
N ARG A 5 1.92 4.91 -5.95
CA ARG A 5 2.20 5.29 -7.35
C ARG A 5 2.58 6.77 -7.45
N GLN A 6 2.04 7.55 -6.53
CA GLN A 6 2.27 9.01 -6.48
C GLN A 6 3.63 9.37 -5.88
N ALA A 7 4.17 8.48 -5.05
CA ALA A 7 5.47 8.69 -4.40
C ALA A 7 6.62 8.12 -5.24
N GLY A 8 6.30 7.72 -6.48
CA GLY A 8 7.28 7.15 -7.38
C GLY A 8 7.25 5.63 -7.41
N ASN A 9 6.03 5.06 -7.22
CA ASN A 9 5.80 3.60 -7.21
C ASN A 9 6.69 2.89 -6.17
N ARG A 10 6.82 3.51 -5.00
CA ARG A 10 7.64 2.97 -3.90
C ARG A 10 6.83 1.98 -3.04
N ALA A 11 7.54 1.26 -2.14
CA ALA A 11 6.91 0.28 -1.26
C ALA A 11 7.08 0.67 0.21
N CYS A 12 6.10 0.27 1.04
CA CYS A 12 6.13 0.56 2.48
C CYS A 12 6.92 -0.52 3.24
N ALA A 13 7.76 -0.09 4.17
CA ALA A 13 8.59 -1.01 4.97
C ALA A 13 8.48 -0.72 6.48
N ASN A 14 7.44 0.02 6.88
CA ASN A 14 7.24 0.38 8.28
C ASN A 14 6.28 -0.61 8.96
N GLN A 15 4.97 -0.37 8.85
CA GLN A 15 3.94 -1.24 9.46
C GLN A 15 2.68 -1.29 8.60
N LEU A 16 2.49 -0.26 7.77
CA LEU A 16 1.31 -0.18 6.89
C LEU A 16 1.67 -0.65 5.46
N CYS A 17 0.75 -0.42 4.50
CA CYS A 17 0.97 -0.86 3.12
C CYS A 17 0.16 -0.07 2.08
N CYS A 18 0.78 0.16 0.93
CA CYS A 18 0.14 0.88 -0.18
C CYS A 18 -0.36 -0.06 -1.27
N SER A 19 -1.28 0.47 -2.08
CA SER A 19 -1.87 -0.25 -3.20
C SER A 19 -1.52 0.45 -4.53
N GLN A 20 -2.06 -0.05 -5.65
CA GLN A 20 -1.82 0.52 -6.98
C GLN A 20 -2.64 1.82 -7.14
N TYR A 21 -2.16 2.88 -6.46
CA TYR A 21 -2.83 4.20 -6.47
C TYR A 21 -1.85 5.30 -6.03
N GLY A 22 -1.41 5.19 -4.78
CA GLY A 22 -0.51 6.17 -4.20
C GLY A 22 -0.81 6.42 -2.73
N PHE A 23 -1.33 5.39 -2.03
CA PHE A 23 -1.68 5.51 -0.62
C PHE A 23 -1.29 4.27 0.19
N CYS A 24 -0.43 4.47 1.20
CA CYS A 24 -0.04 3.42 2.14
C CYS A 24 -0.94 3.51 3.38
N GLY A 25 -1.25 2.37 3.99
CA GLY A 25 -2.10 2.34 5.17
C GLY A 25 -2.51 0.94 5.58
N SER A 26 -3.77 0.79 5.99
CA SER A 26 -4.31 -0.51 6.43
C SER A 26 -5.73 -0.73 5.93
N THR A 27 -6.37 0.36 5.48
CA THR A 27 -7.75 0.34 4.98
C THR A 27 -7.89 -0.61 3.77
N SER A 28 -9.16 -0.92 3.42
CA SER A 28 -9.49 -1.84 2.32
C SER A 28 -9.44 -1.14 0.94
N GLU A 29 -8.38 -0.36 0.75
CA GLU A 29 -8.15 0.38 -0.51
C GLU A 29 -6.65 0.43 -0.74
N TYR A 30 -5.93 0.78 0.33
CA TYR A 30 -4.48 0.84 0.35
C TYR A 30 -3.90 -0.55 0.61
N CYS A 31 -4.65 -1.33 1.38
CA CYS A 31 -4.30 -2.70 1.69
C CYS A 31 -5.47 -3.63 1.38
N SER A 32 -5.51 -4.10 0.13
CA SER A 32 -6.59 -4.98 -0.33
C SER A 32 -6.33 -6.45 -0.01
N ARG A 33 -7.39 -7.13 0.44
CA ARG A 33 -7.32 -8.55 0.79
C ARG A 33 -8.08 -9.39 -0.25
N ALA A 34 -9.10 -8.77 -0.86
CA ALA A 34 -9.92 -9.43 -1.87
C ALA A 34 -9.52 -8.98 -3.27
N ASN A 35 -9.09 -7.71 -3.38
CA ASN A 35 -8.66 -7.13 -4.65
C ASN A 35 -7.14 -7.25 -4.83
N GLY A 36 -6.42 -7.45 -3.71
CA GLY A 36 -4.97 -7.61 -3.74
C GLY A 36 -4.22 -6.33 -3.42
N CYS A 37 -3.39 -6.39 -2.36
CA CYS A 37 -2.58 -5.24 -1.93
C CYS A 37 -1.23 -5.25 -2.68
N GLN A 38 -0.46 -4.14 -2.59
CA GLN A 38 0.81 -4.06 -3.31
C GLN A 38 2.02 -4.10 -2.39
N SER A 39 2.04 -3.27 -1.35
CA SER A 39 3.15 -3.20 -0.40
C SER A 39 3.04 -4.27 0.69
N ASN A 40 3.91 -4.13 1.72
CA ASN A 40 3.97 -5.03 2.87
C ASN A 40 2.65 -4.98 3.66
N CYS A 41 1.70 -5.79 3.22
CA CYS A 41 0.38 -5.84 3.84
C CYS A 41 0.21 -7.09 4.71
N ARG A 42 -0.36 -8.15 4.12
CA ARG A 42 -0.59 -9.42 4.82
C ARG A 42 0.69 -10.27 4.87
N GLY A 43 1.43 -10.11 5.95
CA GLY A 43 2.67 -10.85 6.15
C GLY A 43 3.04 -11.00 7.61
N GLN A 1 0.49 9.43 3.57
CA GLN A 1 0.90 8.67 2.36
C GLN A 1 2.39 8.31 2.43
N ASN A 2 2.68 7.03 2.17
CA ASN A 2 4.07 6.54 2.19
C ASN A 2 4.51 6.09 0.81
N CYS A 3 3.59 5.42 0.10
CA CYS A 3 3.88 4.89 -1.25
C CYS A 3 2.60 4.63 -2.06
N GLY A 4 2.81 4.06 -3.26
CA GLY A 4 1.73 3.73 -4.18
C GLY A 4 2.11 4.03 -5.61
N ARG A 5 1.40 4.96 -6.25
CA ARG A 5 1.69 5.35 -7.63
C ARG A 5 1.80 6.89 -7.77
N GLN A 6 1.91 7.57 -6.61
CA GLN A 6 2.01 9.03 -6.58
C GLN A 6 3.32 9.49 -5.94
N ALA A 7 3.96 8.60 -5.16
CA ALA A 7 5.22 8.90 -4.47
C ALA A 7 6.44 8.51 -5.31
N GLY A 8 6.21 7.71 -6.35
CA GLY A 8 7.29 7.25 -7.22
C GLY A 8 7.37 5.74 -7.30
N ASN A 9 6.20 5.07 -7.24
CA ASN A 9 6.08 3.60 -7.30
C ASN A 9 6.92 2.89 -6.21
N ARG A 10 6.99 3.53 -5.03
CA ARG A 10 7.75 3.00 -3.89
C ARG A 10 6.92 1.98 -3.10
N ALA A 11 7.55 1.29 -2.15
CA ALA A 11 6.88 0.29 -1.32
C ALA A 11 7.00 0.61 0.17
N CYS A 12 6.02 0.14 0.95
CA CYS A 12 6.00 0.35 2.41
C CYS A 12 6.70 -0.78 3.15
N ALA A 13 7.61 -0.42 4.04
CA ALA A 13 8.38 -1.40 4.83
C ALA A 13 8.39 -1.06 6.32
N ASN A 14 7.44 -0.20 6.75
CA ASN A 14 7.33 0.22 8.15
C ASN A 14 6.38 -0.69 8.93
N GLN A 15 5.07 -0.39 8.83
CA GLN A 15 4.03 -1.16 9.53
C GLN A 15 2.74 -1.26 8.69
N LEU A 16 2.54 -0.28 7.83
CA LEU A 16 1.36 -0.22 6.96
C LEU A 16 1.69 -0.73 5.55
N CYS A 17 0.78 -0.49 4.57
CA CYS A 17 0.98 -0.99 3.20
C CYS A 17 0.31 -0.13 2.13
N CYS A 18 1.03 -0.01 1.00
CA CYS A 18 0.58 0.77 -0.15
C CYS A 18 0.04 -0.09 -1.28
N SER A 19 -0.83 0.53 -2.08
CA SER A 19 -1.44 -0.10 -3.25
C SER A 19 -1.16 0.74 -4.51
N GLN A 20 -1.67 0.31 -5.66
CA GLN A 20 -1.49 1.04 -6.92
C GLN A 20 -2.48 2.21 -7.00
N TYR A 21 -2.25 3.21 -6.13
CA TYR A 21 -3.11 4.40 -6.03
C TYR A 21 -2.34 5.60 -5.46
N GLY A 22 -1.28 5.31 -4.71
CA GLY A 22 -0.48 6.37 -4.10
C GLY A 22 -0.81 6.56 -2.62
N PHE A 23 -1.23 5.47 -1.96
CA PHE A 23 -1.60 5.52 -0.54
C PHE A 23 -1.23 4.26 0.23
N CYS A 24 -0.41 4.45 1.28
CA CYS A 24 -0.05 3.38 2.20
C CYS A 24 -0.94 3.45 3.45
N GLY A 25 -1.23 2.29 4.04
CA GLY A 25 -2.09 2.23 5.22
C GLY A 25 -2.49 0.82 5.59
N SER A 26 -3.79 0.62 5.86
CA SER A 26 -4.33 -0.70 6.24
C SER A 26 -5.72 -0.92 5.66
N THR A 27 -6.37 0.17 5.23
CA THR A 27 -7.73 0.12 4.66
C THR A 27 -7.80 -0.77 3.40
N SER A 28 -9.02 -1.13 3.00
CA SER A 28 -9.27 -2.00 1.84
C SER A 28 -9.19 -1.24 0.50
N GLU A 29 -8.14 -0.43 0.37
CA GLU A 29 -7.88 0.36 -0.84
C GLU A 29 -6.38 0.46 -1.01
N TYR A 30 -5.71 0.77 0.10
CA TYR A 30 -4.27 0.88 0.19
C TYR A 30 -3.66 -0.50 0.38
N CYS A 31 -4.43 -1.36 1.04
CA CYS A 31 -4.03 -2.74 1.31
C CYS A 31 -5.16 -3.69 0.92
N SER A 32 -5.16 -4.10 -0.35
CA SER A 32 -6.19 -5.00 -0.88
C SER A 32 -5.87 -6.47 -0.60
N ARG A 33 -6.87 -7.18 -0.08
CA ARG A 33 -6.74 -8.61 0.24
C ARG A 33 -7.47 -9.46 -0.81
N ALA A 34 -8.57 -8.91 -1.33
CA ALA A 34 -9.38 -9.59 -2.35
C ALA A 34 -9.05 -9.07 -3.75
N ASN A 35 -8.67 -7.79 -3.82
CA ASN A 35 -8.31 -7.16 -5.09
C ASN A 35 -6.80 -7.21 -5.34
N GLY A 36 -6.03 -7.51 -4.28
CA GLY A 36 -4.58 -7.62 -4.39
C GLY A 36 -3.86 -6.32 -4.04
N CYS A 37 -3.04 -6.36 -2.98
CA CYS A 37 -2.28 -5.19 -2.53
C CYS A 37 -0.93 -5.12 -3.25
N GLN A 38 -0.15 -4.07 -2.98
CA GLN A 38 1.16 -3.90 -3.62
C GLN A 38 2.30 -4.07 -2.62
N SER A 39 2.14 -3.45 -1.44
CA SER A 39 3.15 -3.52 -0.39
C SER A 39 2.85 -4.64 0.62
N ASN A 40 3.61 -4.63 1.73
CA ASN A 40 3.47 -5.60 2.81
C ASN A 40 2.14 -5.42 3.56
N CYS A 41 1.08 -6.02 3.01
CA CYS A 41 -0.24 -5.92 3.61
C CYS A 41 -0.57 -7.17 4.44
N ARG A 42 -0.53 -8.32 3.78
CA ARG A 42 -0.83 -9.60 4.41
C ARG A 42 0.45 -10.33 4.84
N GLY A 43 1.54 -10.07 4.11
CA GLY A 43 2.81 -10.69 4.41
C GLY A 43 3.67 -10.91 3.17
N GLN A 1 0.48 9.20 3.30
CA GLN A 1 0.99 8.53 2.07
C GLN A 1 2.45 8.14 2.24
N ASN A 2 2.75 6.87 1.91
CA ASN A 2 4.12 6.35 2.02
C ASN A 2 4.58 5.72 0.70
N CYS A 3 3.64 5.12 -0.03
CA CYS A 3 3.95 4.44 -1.28
C CYS A 3 2.70 4.26 -2.16
N GLY A 4 2.93 3.83 -3.41
CA GLY A 4 1.85 3.58 -4.36
C GLY A 4 2.24 3.96 -5.78
N ARG A 5 1.57 4.96 -6.34
CA ARG A 5 1.83 5.44 -7.69
C ARG A 5 2.07 6.96 -7.71
N GLN A 6 1.61 7.63 -6.65
CA GLN A 6 1.73 9.09 -6.52
C GLN A 6 3.02 9.50 -5.79
N ALA A 7 3.52 8.63 -4.93
CA ALA A 7 4.75 8.88 -4.16
C ALA A 7 6.01 8.48 -4.95
N GLY A 8 5.85 8.27 -6.26
CA GLY A 8 6.96 7.87 -7.12
C GLY A 8 7.13 6.36 -7.17
N ASN A 9 6.04 5.63 -6.83
CA ASN A 9 6.00 4.15 -6.81
C ASN A 9 7.11 3.57 -5.91
N ARG A 10 6.91 3.71 -4.60
CA ARG A 10 7.86 3.20 -3.59
C ARG A 10 7.36 1.86 -3.01
N ALA A 11 7.83 1.51 -1.80
CA ALA A 11 7.42 0.27 -1.13
C ALA A 11 7.22 0.50 0.36
N CYS A 12 6.10 0.01 0.90
CA CYS A 12 5.78 0.15 2.32
C CYS A 12 6.18 -1.12 3.10
N ALA A 13 7.15 -0.98 4.00
CA ALA A 13 7.65 -2.09 4.81
C ALA A 13 7.95 -1.65 6.25
N ASN A 14 7.30 -0.57 6.71
CA ASN A 14 7.52 -0.04 8.06
C ASN A 14 6.50 -0.61 9.05
N GLN A 15 5.23 -0.27 8.85
CA GLN A 15 4.13 -0.73 9.71
C GLN A 15 2.83 -0.88 8.91
N LEU A 16 2.63 0.03 7.96
CA LEU A 16 1.44 0.03 7.11
C LEU A 16 1.75 -0.59 5.73
N CYS A 17 0.84 -0.42 4.76
CA CYS A 17 1.02 -1.00 3.42
C CYS A 17 0.36 -0.18 2.32
N CYS A 18 1.02 -0.17 1.16
CA CYS A 18 0.53 0.55 -0.01
C CYS A 18 0.02 -0.39 -1.11
N SER A 19 -0.77 0.20 -2.01
CA SER A 19 -1.33 -0.49 -3.17
C SER A 19 -0.93 0.25 -4.46
N GLN A 20 -1.33 -0.28 -5.62
CA GLN A 20 -1.01 0.35 -6.92
C GLN A 20 -1.99 1.50 -7.20
N TYR A 21 -1.83 2.59 -6.44
CA TYR A 21 -2.67 3.78 -6.55
C TYR A 21 -1.90 5.04 -6.17
N GLY A 22 -1.36 5.04 -4.95
CA GLY A 22 -0.62 6.17 -4.42
C GLY A 22 -0.94 6.42 -2.95
N PHE A 23 -1.46 5.38 -2.27
CA PHE A 23 -1.82 5.49 -0.87
C PHE A 23 -1.35 4.29 -0.04
N CYS A 24 -0.69 4.60 1.08
CA CYS A 24 -0.22 3.60 2.04
C CYS A 24 -1.01 3.74 3.34
N GLY A 25 -1.29 2.60 3.99
CA GLY A 25 -2.05 2.62 5.25
C GLY A 25 -2.49 1.24 5.68
N SER A 26 -3.76 1.12 6.08
CA SER A 26 -4.33 -0.15 6.55
C SER A 26 -5.76 -0.36 6.06
N THR A 27 -6.44 0.75 5.74
CA THR A 27 -7.84 0.74 5.27
C THR A 27 -8.00 -0.10 3.99
N SER A 28 -9.25 -0.46 3.68
CA SER A 28 -9.57 -1.29 2.51
C SER A 28 -9.57 -0.48 1.20
N GLU A 29 -8.39 0.03 0.85
CA GLU A 29 -8.16 0.83 -0.36
C GLU A 29 -6.69 0.72 -0.76
N TYR A 30 -5.85 0.75 0.27
CA TYR A 30 -4.39 0.64 0.12
C TYR A 30 -3.94 -0.80 0.34
N CYS A 31 -4.73 -1.56 1.11
CA CYS A 31 -4.45 -2.95 1.40
C CYS A 31 -5.75 -3.77 1.39
N SER A 32 -6.07 -4.35 0.23
CA SER A 32 -7.30 -5.14 0.08
C SER A 32 -7.08 -6.48 -0.64
N ARG A 33 -5.96 -6.60 -1.38
CA ARG A 33 -5.59 -7.83 -2.15
C ARG A 33 -6.43 -7.97 -3.42
N ALA A 34 -7.74 -7.74 -3.28
CA ALA A 34 -8.68 -7.81 -4.39
C ALA A 34 -8.81 -6.47 -5.10
N ASN A 35 -8.55 -5.40 -4.34
CA ASN A 35 -8.60 -4.02 -4.84
C ASN A 35 -7.33 -3.25 -4.45
N GLY A 36 -6.62 -3.77 -3.44
CA GLY A 36 -5.40 -3.14 -2.95
C GLY A 36 -4.37 -4.17 -2.50
N CYS A 37 -3.62 -3.82 -1.45
CA CYS A 37 -2.56 -4.68 -0.86
C CYS A 37 -1.57 -5.17 -1.92
N GLN A 38 -0.47 -4.43 -2.06
CA GLN A 38 0.57 -4.75 -3.03
C GLN A 38 1.92 -4.87 -2.32
N SER A 39 2.16 -3.98 -1.35
CA SER A 39 3.38 -3.98 -0.57
C SER A 39 3.29 -4.98 0.60
N ASN A 40 4.00 -4.70 1.70
CA ASN A 40 4.00 -5.55 2.89
C ASN A 40 2.70 -5.34 3.69
N CYS A 41 1.64 -5.98 3.21
CA CYS A 41 0.32 -5.89 3.84
C CYS A 41 -0.03 -7.17 4.60
N ARG A 42 -0.10 -8.27 3.84
CA ARG A 42 -0.41 -9.59 4.40
C ARG A 42 0.85 -10.38 4.71
N GLY A 43 1.92 -10.10 3.96
CA GLY A 43 3.19 -10.78 4.15
C GLY A 43 4.18 -9.95 4.95
N GLN A 1 -0.19 9.07 3.56
CA GLN A 1 0.47 8.46 2.38
C GLN A 1 1.89 8.03 2.72
N ASN A 2 2.32 6.92 2.11
CA ASN A 2 3.65 6.36 2.32
C ASN A 2 4.29 5.88 1.03
N CYS A 3 3.45 5.57 0.03
CA CYS A 3 3.92 5.04 -1.26
C CYS A 3 2.77 4.98 -2.29
N GLY A 4 3.12 4.58 -3.53
CA GLY A 4 2.13 4.47 -4.60
C GLY A 4 2.49 5.34 -5.79
N ARG A 5 1.52 5.49 -6.72
CA ARG A 5 1.72 6.31 -7.92
C ARG A 5 1.48 7.80 -7.63
N GLN A 6 2.30 8.32 -6.72
CA GLN A 6 2.26 9.72 -6.28
C GLN A 6 3.61 10.13 -5.69
N ALA A 7 4.23 9.17 -5.00
CA ALA A 7 5.54 9.37 -4.36
C ALA A 7 6.66 8.80 -5.23
N GLY A 8 6.27 8.02 -6.25
CA GLY A 8 7.24 7.39 -7.14
C GLY A 8 7.53 5.95 -6.77
N ASN A 9 6.49 5.27 -6.21
CA ASN A 9 6.58 3.86 -5.76
C ASN A 9 7.77 3.61 -4.83
N ARG A 10 7.57 3.94 -3.54
CA ARG A 10 8.60 3.77 -2.51
C ARG A 10 8.44 2.44 -1.77
N ALA A 11 7.29 1.77 -1.97
CA ALA A 11 6.95 0.47 -1.33
C ALA A 11 6.84 0.60 0.20
N CYS A 12 5.76 0.04 0.76
CA CYS A 12 5.53 0.10 2.21
C CYS A 12 5.81 -1.25 2.88
N ALA A 13 6.75 -1.25 3.82
CA ALA A 13 7.13 -2.46 4.56
C ALA A 13 7.39 -2.17 6.05
N ASN A 14 6.84 -1.05 6.54
CA ASN A 14 7.01 -0.66 7.94
C ASN A 14 5.87 -1.19 8.82
N GLN A 15 4.67 -0.63 8.63
CA GLN A 15 3.48 -1.03 9.41
C GLN A 15 2.21 -0.99 8.56
N LEU A 16 2.19 -0.06 7.61
CA LEU A 16 1.03 0.11 6.71
C LEU A 16 1.29 -0.57 5.36
N CYS A 17 0.44 -0.29 4.35
CA CYS A 17 0.58 -0.95 3.04
C CYS A 17 0.32 -0.04 1.86
N CYS A 18 1.15 -0.23 0.84
CA CYS A 18 1.09 0.52 -0.41
C CYS A 18 0.39 -0.26 -1.52
N SER A 19 -0.25 0.49 -2.42
CA SER A 19 -0.93 -0.06 -3.59
C SER A 19 -0.60 0.76 -4.84
N GLN A 20 -0.79 0.17 -6.03
CA GLN A 20 -0.52 0.84 -7.31
C GLN A 20 -1.61 1.88 -7.61
N TYR A 21 -1.51 3.03 -6.94
CA TYR A 21 -2.46 4.14 -7.07
C TYR A 21 -1.81 5.45 -6.61
N GLY A 22 -1.26 5.40 -5.40
CA GLY A 22 -0.65 6.55 -4.77
C GLY A 22 -1.03 6.65 -3.31
N PHE A 23 -1.68 5.58 -2.80
CA PHE A 23 -2.13 5.54 -1.43
C PHE A 23 -1.55 4.36 -0.65
N CYS A 24 -0.97 4.68 0.50
CA CYS A 24 -0.43 3.68 1.42
C CYS A 24 -0.98 3.95 2.82
N GLY A 25 -1.51 2.89 3.46
CA GLY A 25 -2.10 3.02 4.78
C GLY A 25 -2.53 1.69 5.37
N SER A 26 -3.64 1.70 6.10
CA SER A 26 -4.16 0.49 6.74
C SER A 26 -5.62 0.20 6.35
N THR A 27 -6.31 1.21 5.83
CA THR A 27 -7.72 1.09 5.43
C THR A 27 -7.90 0.07 4.29
N SER A 28 -9.14 -0.44 4.14
CA SER A 28 -9.47 -1.43 3.13
C SER A 28 -9.66 -0.81 1.74
N GLU A 29 -8.55 -0.30 1.21
CA GLU A 29 -8.49 0.33 -0.11
C GLU A 29 -7.09 0.17 -0.65
N TYR A 30 -6.13 0.37 0.25
CA TYR A 30 -4.71 0.26 -0.04
C TYR A 30 -4.15 -1.07 0.47
N CYS A 31 -4.75 -1.57 1.56
CA CYS A 31 -4.32 -2.82 2.17
C CYS A 31 -5.48 -3.81 2.28
N SER A 32 -5.69 -4.59 1.21
CA SER A 32 -6.73 -5.61 1.18
C SER A 32 -6.18 -6.92 0.64
N ARG A 33 -6.69 -8.04 1.15
CA ARG A 33 -6.22 -9.37 0.72
C ARG A 33 -7.01 -9.93 -0.46
N ALA A 34 -8.07 -9.22 -0.88
CA ALA A 34 -8.92 -9.65 -1.99
C ALA A 34 -9.08 -8.55 -3.05
N ASN A 35 -8.74 -7.31 -2.68
CA ASN A 35 -8.87 -6.17 -3.59
C ASN A 35 -7.65 -5.25 -3.55
N GLY A 36 -6.77 -5.46 -2.56
CA GLY A 36 -5.58 -4.61 -2.41
C GLY A 36 -4.30 -5.40 -2.37
N CYS A 37 -3.49 -5.13 -1.32
CA CYS A 37 -2.16 -5.77 -1.09
C CYS A 37 -1.32 -5.86 -2.35
N GLN A 38 -0.43 -4.89 -2.52
CA GLN A 38 0.46 -4.85 -3.67
C GLN A 38 1.90 -4.87 -3.18
N SER A 39 2.20 -3.99 -2.21
CA SER A 39 3.52 -3.95 -1.59
C SER A 39 3.53 -4.84 -0.33
N ASN A 40 4.50 -4.63 0.58
CA ASN A 40 4.59 -5.40 1.81
C ASN A 40 3.45 -5.02 2.78
N CYS A 41 2.31 -5.69 2.59
CA CYS A 41 1.12 -5.44 3.41
C CYS A 41 1.01 -6.40 4.58
N ARG A 42 0.34 -5.93 5.67
CA ARG A 42 0.10 -6.71 6.90
C ARG A 42 1.37 -7.39 7.46
N GLY A 43 2.53 -6.77 7.22
CA GLY A 43 3.79 -7.30 7.69
C GLY A 43 4.58 -8.00 6.60
N GLN A 1 0.06 9.25 3.41
CA GLN A 1 0.64 8.57 2.21
C GLN A 1 2.06 8.11 2.48
N ASN A 2 2.38 6.89 2.03
CA ASN A 2 3.72 6.32 2.21
C ASN A 2 4.30 5.80 0.90
N CYS A 3 3.42 5.50 -0.07
CA CYS A 3 3.84 4.95 -1.36
C CYS A 3 2.67 4.93 -2.36
N GLY A 4 2.96 4.49 -3.59
CA GLY A 4 1.94 4.38 -4.62
C GLY A 4 2.47 4.77 -5.99
N ARG A 5 1.98 5.90 -6.52
CA ARG A 5 2.39 6.39 -7.84
C ARG A 5 2.78 7.87 -7.78
N GLN A 6 2.33 8.53 -6.70
CA GLN A 6 2.60 9.96 -6.49
C GLN A 6 3.91 10.21 -5.74
N ALA A 7 4.31 9.23 -4.93
CA ALA A 7 5.55 9.32 -4.14
C ALA A 7 6.76 8.81 -4.94
N GLY A 8 6.57 8.62 -6.25
CA GLY A 8 7.63 8.12 -7.11
C GLY A 8 7.62 6.60 -7.21
N ASN A 9 6.46 6.00 -6.89
CA ASN A 9 6.25 4.53 -6.91
C ASN A 9 7.27 3.80 -6.02
N ARG A 10 7.07 3.91 -4.71
CA ARG A 10 7.95 3.28 -3.72
C ARG A 10 7.31 1.97 -3.22
N ALA A 11 7.68 1.52 -2.01
CA ALA A 11 7.12 0.30 -1.41
C ALA A 11 6.99 0.46 0.10
N CYS A 12 5.88 -0.05 0.66
CA CYS A 12 5.65 0.04 2.10
C CYS A 12 5.99 -1.27 2.81
N ALA A 13 6.98 -1.21 3.70
CA ALA A 13 7.44 -2.38 4.45
C ALA A 13 7.68 -2.06 5.94
N ASN A 14 7.09 -0.96 6.42
CA ASN A 14 7.24 -0.53 7.82
C ASN A 14 6.13 -1.08 8.70
N GLN A 15 4.92 -0.54 8.54
CA GLN A 15 3.74 -0.96 9.31
C GLN A 15 2.48 -0.93 8.46
N LEU A 16 2.38 0.07 7.58
CA LEU A 16 1.24 0.25 6.69
C LEU A 16 1.52 -0.43 5.33
N CYS A 17 0.54 -0.39 4.41
CA CYS A 17 0.69 -1.03 3.11
C CYS A 17 0.29 -0.16 1.92
N CYS A 18 1.09 -0.30 0.87
CA CYS A 18 0.95 0.43 -0.39
C CYS A 18 0.16 -0.32 -1.47
N SER A 19 -0.32 0.48 -2.43
CA SER A 19 -1.02 0.00 -3.63
C SER A 19 -0.66 0.88 -4.82
N GLN A 20 -0.73 0.29 -6.03
CA GLN A 20 -0.40 1.01 -7.27
C GLN A 20 -1.51 2.01 -7.63
N TYR A 21 -1.46 3.17 -6.97
CA TYR A 21 -2.44 4.25 -7.14
C TYR A 21 -1.88 5.57 -6.60
N GLY A 22 -1.43 5.51 -5.35
CA GLY A 22 -0.89 6.67 -4.67
C GLY A 22 -1.29 6.70 -3.21
N PHE A 23 -1.73 5.55 -2.68
CA PHE A 23 -2.16 5.45 -1.30
C PHE A 23 -1.54 4.26 -0.57
N CYS A 24 -0.98 4.55 0.61
CA CYS A 24 -0.41 3.55 1.51
C CYS A 24 -0.91 3.82 2.92
N GLY A 25 -1.59 2.83 3.52
CA GLY A 25 -2.14 2.98 4.86
C GLY A 25 -2.48 1.66 5.52
N SER A 26 -3.61 1.64 6.24
CA SER A 26 -4.06 0.43 6.95
C SER A 26 -5.46 -0.01 6.54
N THR A 27 -6.22 0.91 5.93
CA THR A 27 -7.59 0.65 5.47
C THR A 27 -7.63 -0.40 4.36
N SER A 28 -8.82 -1.02 4.19
CA SER A 28 -9.03 -2.07 3.19
C SER A 28 -9.44 -1.46 1.84
N GLU A 29 -8.50 -0.69 1.27
CA GLU A 29 -8.65 -0.03 -0.01
C GLU A 29 -7.30 -0.07 -0.71
N TYR A 30 -6.26 0.16 0.08
CA TYR A 30 -4.87 0.13 -0.36
C TYR A 30 -4.36 -1.31 -0.37
N CYS A 31 -4.70 -2.03 0.71
CA CYS A 31 -4.33 -3.43 0.88
C CYS A 31 -5.35 -4.15 1.74
N SER A 32 -6.15 -5.00 1.10
CA SER A 32 -7.17 -5.77 1.78
C SER A 32 -6.87 -7.26 1.63
N ARG A 33 -7.22 -8.04 2.67
CA ARG A 33 -6.99 -9.49 2.68
C ARG A 33 -8.08 -10.24 1.88
N ALA A 34 -9.06 -9.48 1.36
CA ALA A 34 -10.14 -10.03 0.56
C ALA A 34 -10.02 -9.65 -0.92
N ASN A 35 -9.30 -8.57 -1.19
CA ASN A 35 -9.10 -8.08 -2.56
C ASN A 35 -7.68 -8.36 -3.05
N GLY A 36 -6.70 -8.15 -2.16
CA GLY A 36 -5.31 -8.38 -2.50
C GLY A 36 -4.42 -7.21 -2.13
N CYS A 37 -3.36 -7.51 -1.38
CA CYS A 37 -2.40 -6.51 -0.94
C CYS A 37 -1.29 -6.33 -1.98
N GLN A 38 -0.62 -5.17 -1.96
CA GLN A 38 0.47 -4.91 -2.91
C GLN A 38 1.79 -4.89 -2.15
N SER A 39 1.87 -4.01 -1.15
CA SER A 39 3.04 -3.92 -0.28
C SER A 39 2.90 -4.86 0.93
N ASN A 40 3.76 -4.68 1.93
CA ASN A 40 3.76 -5.52 3.14
C ASN A 40 2.58 -5.21 4.07
N CYS A 41 1.44 -5.87 3.82
CA CYS A 41 0.24 -5.71 4.64
C CYS A 41 0.17 -6.80 5.72
N ARG A 42 -0.17 -6.39 6.96
CA ARG A 42 -0.30 -7.30 8.13
C ARG A 42 1.05 -7.94 8.53
N GLY A 43 2.15 -7.45 7.93
CA GLY A 43 3.46 -7.99 8.23
C GLY A 43 4.28 -7.06 9.10
N GLN A 1 0.78 9.29 3.45
CA GLN A 1 1.09 8.35 2.33
C GLN A 1 2.56 7.95 2.38
N ASN A 2 2.83 6.68 2.08
CA ASN A 2 4.19 6.14 2.09
C ASN A 2 4.60 5.59 0.72
N CYS A 3 3.62 5.04 0.00
CA CYS A 3 3.88 4.42 -1.31
C CYS A 3 2.59 4.29 -2.15
N GLY A 4 2.77 3.94 -3.43
CA GLY A 4 1.66 3.74 -4.35
C GLY A 4 2.03 4.07 -5.78
N ARG A 5 1.52 5.20 -6.29
CA ARG A 5 1.78 5.64 -7.67
C ARG A 5 2.15 7.12 -7.69
N GLN A 6 1.66 7.84 -6.68
CA GLN A 6 1.87 9.30 -6.55
C GLN A 6 3.20 9.63 -5.85
N ALA A 7 3.66 8.72 -5.00
CA ALA A 7 4.90 8.90 -4.25
C ALA A 7 6.12 8.39 -5.05
N GLY A 8 5.89 8.10 -6.33
CA GLY A 8 6.95 7.61 -7.21
C GLY A 8 6.97 6.09 -7.30
N ASN A 9 5.82 5.45 -6.96
CA ASN A 9 5.64 3.99 -6.98
C ASN A 9 6.73 3.28 -6.14
N ARG A 10 6.86 3.73 -4.89
CA ARG A 10 7.84 3.19 -3.94
C ARG A 10 7.27 1.95 -3.21
N ALA A 11 7.81 1.66 -2.01
CA ALA A 11 7.36 0.53 -1.18
C ALA A 11 7.33 0.93 0.29
N CYS A 12 6.33 0.44 1.03
CA CYS A 12 6.19 0.75 2.46
C CYS A 12 7.02 -0.21 3.32
N ALA A 13 6.44 -1.38 3.64
CA ALA A 13 7.10 -2.45 4.45
C ALA A 13 7.67 -1.95 5.80
N ASN A 14 7.09 -0.86 6.33
CA ASN A 14 7.52 -0.31 7.61
C ASN A 14 6.59 -0.75 8.74
N GLN A 15 5.31 -0.39 8.60
CA GLN A 15 4.27 -0.74 9.57
C GLN A 15 2.91 -0.89 8.89
N LEU A 16 2.74 -0.14 7.79
CA LEU A 16 1.51 -0.16 7.00
C LEU A 16 1.76 -0.76 5.62
N CYS A 17 0.82 -0.56 4.67
CA CYS A 17 0.95 -1.12 3.33
C CYS A 17 0.30 -0.26 2.26
N CYS A 18 0.94 -0.22 1.08
CA CYS A 18 0.48 0.55 -0.06
C CYS A 18 -0.08 -0.31 -1.19
N SER A 19 -0.91 0.33 -2.01
CA SER A 19 -1.52 -0.31 -3.19
C SER A 19 -1.11 0.45 -4.45
N GLN A 20 -1.49 -0.07 -5.63
CA GLN A 20 -1.17 0.57 -6.91
C GLN A 20 -2.13 1.75 -7.15
N TYR A 21 -1.93 2.82 -6.37
CA TYR A 21 -2.76 4.03 -6.44
C TYR A 21 -1.95 5.28 -6.03
N GLY A 22 -1.43 5.25 -4.82
CA GLY A 22 -0.67 6.36 -4.26
C GLY A 22 -0.97 6.57 -2.79
N PHE A 23 -1.46 5.52 -2.12
CA PHE A 23 -1.80 5.59 -0.71
C PHE A 23 -1.35 4.36 0.08
N CYS A 24 -0.65 4.62 1.19
CA CYS A 24 -0.20 3.57 2.11
C CYS A 24 -1.02 3.65 3.41
N GLY A 25 -1.23 2.51 4.06
CA GLY A 25 -1.99 2.48 5.31
C GLY A 25 -2.45 1.08 5.68
N SER A 26 -3.73 0.93 6.05
CA SER A 26 -4.29 -0.36 6.46
C SER A 26 -5.70 -0.59 5.92
N THR A 27 -6.38 0.49 5.52
CA THR A 27 -7.75 0.43 4.99
C THR A 27 -7.82 -0.44 3.71
N SER A 28 -9.05 -0.84 3.35
CA SER A 28 -9.31 -1.69 2.17
C SER A 28 -9.30 -0.90 0.86
N GLU A 29 -8.20 -0.17 0.65
CA GLU A 29 -7.99 0.65 -0.55
C GLU A 29 -6.50 0.70 -0.84
N TYR A 30 -5.73 0.84 0.25
CA TYR A 30 -4.27 0.86 0.20
C TYR A 30 -3.74 -0.55 0.41
N CYS A 31 -4.48 -1.33 1.19
CA CYS A 31 -4.14 -2.72 1.46
C CYS A 31 -5.32 -3.60 1.08
N SER A 32 -5.37 -3.97 -0.20
CA SER A 32 -6.45 -4.81 -0.73
C SER A 32 -6.31 -6.28 -0.35
N ARG A 33 -7.44 -6.88 0.06
CA ARG A 33 -7.49 -8.29 0.44
C ARG A 33 -8.18 -9.10 -0.65
N ALA A 34 -9.12 -8.45 -1.35
CA ALA A 34 -9.87 -9.07 -2.44
C ALA A 34 -9.44 -8.54 -3.81
N ASN A 35 -8.96 -7.29 -3.82
CA ASN A 35 -8.49 -6.64 -5.05
C ASN A 35 -6.98 -6.82 -5.26
N GLY A 36 -6.28 -7.20 -4.17
CA GLY A 36 -4.84 -7.43 -4.24
C GLY A 36 -4.02 -6.22 -3.85
N CYS A 37 -3.34 -6.30 -2.71
CA CYS A 37 -2.49 -5.20 -2.21
C CYS A 37 -1.07 -5.30 -2.79
N GLN A 38 -0.25 -4.26 -2.57
CA GLN A 38 1.11 -4.25 -3.13
C GLN A 38 2.21 -4.46 -2.09
N SER A 39 2.31 -3.55 -1.11
CA SER A 39 3.34 -3.63 -0.06
C SER A 39 2.99 -4.67 1.02
N ASN A 40 3.74 -4.62 2.13
CA ASN A 40 3.56 -5.52 3.27
C ASN A 40 2.19 -5.28 3.94
N CYS A 41 1.19 -5.96 3.39
CA CYS A 41 -0.18 -5.84 3.87
C CYS A 41 -0.60 -7.07 4.68
N ARG A 42 -0.57 -8.23 4.02
CA ARG A 42 -0.94 -9.51 4.64
C ARG A 42 0.29 -10.24 5.18
N GLY A 43 1.42 -10.06 4.50
CA GLY A 43 2.67 -10.69 4.91
C GLY A 43 3.87 -10.15 4.17
N GLN A 1 0.58 9.81 3.17
CA GLN A 1 0.92 8.71 2.23
C GLN A 1 2.35 8.20 2.45
N ASN A 2 2.59 6.94 2.11
CA ASN A 2 3.91 6.32 2.27
C ASN A 2 4.45 5.81 0.94
N CYS A 3 3.55 5.52 -0.01
CA CYS A 3 3.94 4.97 -1.33
C CYS A 3 2.75 4.94 -2.29
N GLY A 4 3.03 4.48 -3.53
CA GLY A 4 2.00 4.38 -4.55
C GLY A 4 2.53 4.69 -5.93
N ARG A 5 2.01 5.77 -6.53
CA ARG A 5 2.42 6.20 -7.88
C ARG A 5 2.80 7.68 -7.88
N GLN A 6 2.33 8.38 -6.86
CA GLN A 6 2.56 9.83 -6.69
C GLN A 6 3.83 10.12 -5.88
N ALA A 7 4.21 9.16 -5.02
CA ALA A 7 5.41 9.29 -4.18
C ALA A 7 6.67 8.81 -4.90
N GLY A 8 6.56 8.61 -6.22
CA GLY A 8 7.69 8.14 -7.02
C GLY A 8 7.70 6.62 -7.13
N ASN A 9 6.54 5.99 -6.83
CA ASN A 9 6.35 4.52 -6.87
C ASN A 9 7.38 3.79 -5.99
N ARG A 10 7.20 3.93 -4.66
CA ARG A 10 8.07 3.30 -3.68
C ARG A 10 7.44 1.97 -3.20
N ALA A 11 7.75 1.55 -1.96
CA ALA A 11 7.20 0.32 -1.38
C ALA A 11 7.00 0.46 0.13
N CYS A 12 5.86 -0.03 0.63
CA CYS A 12 5.54 0.05 2.06
C CYS A 12 5.80 -1.30 2.74
N ALA A 13 6.73 -1.30 3.70
CA ALA A 13 7.10 -2.52 4.44
C ALA A 13 7.47 -2.21 5.91
N ASN A 14 7.05 -1.03 6.39
CA ASN A 14 7.33 -0.62 7.77
C ASN A 14 6.23 -1.04 8.74
N GLN A 15 5.03 -0.47 8.54
CA GLN A 15 3.86 -0.77 9.38
C GLN A 15 2.59 -0.82 8.56
N LEU A 16 2.48 0.12 7.61
CA LEU A 16 1.32 0.22 6.72
C LEU A 16 1.64 -0.42 5.35
N CYS A 17 0.67 -0.40 4.42
CA CYS A 17 0.87 -1.02 3.11
C CYS A 17 0.54 -0.10 1.95
N CYS A 18 1.32 -0.26 0.89
CA CYS A 18 1.18 0.54 -0.33
C CYS A 18 0.22 -0.07 -1.35
N SER A 19 -0.30 0.81 -2.21
CA SER A 19 -1.20 0.43 -3.28
C SER A 19 -0.65 0.93 -4.62
N GLN A 20 -1.14 0.38 -5.74
CA GLN A 20 -0.71 0.79 -7.08
C GLN A 20 -1.62 1.92 -7.59
N TYR A 21 -1.44 3.11 -7.00
CA TYR A 21 -2.24 4.31 -7.34
C TYR A 21 -1.62 5.56 -6.70
N GLY A 22 -1.45 5.48 -5.38
CA GLY A 22 -0.89 6.60 -4.61
C GLY A 22 -1.43 6.61 -3.19
N PHE A 23 -1.78 5.43 -2.67
CA PHE A 23 -2.32 5.33 -1.31
C PHE A 23 -1.68 4.19 -0.50
N CYS A 24 -1.00 4.58 0.58
CA CYS A 24 -0.39 3.62 1.51
C CYS A 24 -0.98 3.85 2.91
N GLY A 25 -1.55 2.80 3.50
CA GLY A 25 -2.15 2.90 4.82
C GLY A 25 -2.46 1.55 5.44
N SER A 26 -3.61 1.47 6.12
CA SER A 26 -4.04 0.23 6.80
C SER A 26 -5.47 -0.18 6.43
N THR A 27 -6.26 0.80 5.95
CA THR A 27 -7.67 0.58 5.57
C THR A 27 -7.81 -0.51 4.49
N SER A 28 -9.05 -1.04 4.37
CA SER A 28 -9.35 -2.11 3.40
C SER A 28 -9.61 -1.56 1.99
N GLU A 29 -8.53 -1.04 1.41
CA GLU A 29 -8.53 -0.48 0.05
C GLU A 29 -7.12 -0.64 -0.49
N TYR A 30 -6.15 -0.31 0.37
CA TYR A 30 -4.74 -0.44 0.08
C TYR A 30 -4.23 -1.79 0.57
N CYS A 31 -4.77 -2.23 1.71
CA CYS A 31 -4.42 -3.52 2.30
C CYS A 31 -5.56 -4.50 2.03
N SER A 32 -5.73 -4.83 0.74
CA SER A 32 -6.80 -5.74 0.32
C SER A 32 -6.46 -7.21 0.57
N ARG A 33 -7.40 -7.90 1.23
CA ARG A 33 -7.25 -9.33 1.56
C ARG A 33 -8.07 -10.19 0.59
N ALA A 34 -9.19 -9.63 0.12
CA ALA A 34 -10.09 -10.31 -0.82
C ALA A 34 -9.78 -9.90 -2.25
N ASN A 35 -9.39 -8.63 -2.42
CA ASN A 35 -9.05 -8.08 -3.75
C ASN A 35 -7.53 -8.15 -3.98
N GLY A 36 -6.77 -8.29 -2.88
CA GLY A 36 -5.31 -8.38 -2.97
C GLY A 36 -4.62 -7.04 -2.87
N CYS A 37 -3.71 -6.91 -1.89
CA CYS A 37 -2.95 -5.68 -1.67
C CYS A 37 -1.72 -5.65 -2.59
N GLN A 38 -0.86 -4.63 -2.45
CA GLN A 38 0.32 -4.51 -3.30
C GLN A 38 1.59 -4.70 -2.47
N SER A 39 1.76 -3.85 -1.46
CA SER A 39 2.92 -3.94 -0.57
C SER A 39 2.65 -4.90 0.60
N ASN A 40 3.64 -5.00 1.52
CA ASN A 40 3.56 -5.89 2.69
C ASN A 40 2.40 -5.48 3.62
N CYS A 41 1.22 -6.05 3.34
CA CYS A 41 0.02 -5.77 4.13
C CYS A 41 -0.22 -6.86 5.18
N ARG A 42 -0.46 -8.08 4.70
CA ARG A 42 -0.71 -9.24 5.55
C ARG A 42 0.46 -10.23 5.53
N GLY A 43 1.38 -10.05 4.57
CA GLY A 43 2.54 -10.93 4.44
C GLY A 43 2.36 -11.97 3.37
N GLN A 1 -0.32 9.08 3.40
CA GLN A 1 0.35 8.50 2.21
C GLN A 1 1.78 8.08 2.54
N ASN A 2 2.17 6.90 2.05
CA ASN A 2 3.52 6.36 2.28
C ASN A 2 4.16 5.86 0.99
N CYS A 3 3.32 5.52 0.00
CA CYS A 3 3.80 4.99 -1.28
C CYS A 3 2.66 4.90 -2.30
N GLY A 4 3.00 4.44 -3.53
CA GLY A 4 2.02 4.29 -4.59
C GLY A 4 2.56 4.67 -5.95
N ARG A 5 2.09 5.82 -6.46
CA ARG A 5 2.52 6.33 -7.77
C ARG A 5 2.89 7.81 -7.68
N GLN A 6 2.38 8.47 -6.64
CA GLN A 6 2.61 9.91 -6.42
C GLN A 6 3.90 10.17 -5.65
N ALA A 7 4.30 9.21 -4.82
CA ALA A 7 5.54 9.32 -4.02
C ALA A 7 6.77 8.83 -4.79
N GLY A 8 6.59 8.62 -6.11
CA GLY A 8 7.68 8.14 -6.96
C GLY A 8 7.69 6.61 -7.06
N ASN A 9 6.52 6.01 -6.77
CA ASN A 9 6.33 4.54 -6.80
C ASN A 9 7.33 3.81 -5.89
N ARG A 10 7.11 3.93 -4.58
CA ARG A 10 7.96 3.30 -3.57
C ARG A 10 7.34 1.97 -3.10
N ALA A 11 7.68 1.53 -1.87
CA ALA A 11 7.14 0.29 -1.30
C ALA A 11 6.93 0.45 0.20
N CYS A 12 5.79 -0.05 0.71
CA CYS A 12 5.49 0.04 2.14
C CYS A 12 5.76 -1.29 2.85
N ALA A 13 6.72 -1.26 3.79
CA ALA A 13 7.11 -2.44 4.55
C ALA A 13 7.33 -2.12 6.04
N ASN A 14 6.77 -1.01 6.51
CA ASN A 14 6.91 -0.58 7.91
C ASN A 14 5.79 -1.15 8.79
N GLN A 15 4.63 -0.47 8.79
CA GLN A 15 3.48 -0.88 9.58
C GLN A 15 2.19 -0.88 8.75
N LEU A 16 2.15 0.01 7.76
CA LEU A 16 0.99 0.15 6.88
C LEU A 16 1.24 -0.56 5.54
N CYS A 17 0.40 -0.31 4.52
CA CYS A 17 0.53 -0.98 3.23
C CYS A 17 0.23 -0.10 2.04
N CYS A 18 1.06 -0.29 1.00
CA CYS A 18 0.95 0.44 -0.25
C CYS A 18 0.30 -0.35 -1.37
N SER A 19 -0.28 0.40 -2.32
CA SER A 19 -0.92 -0.15 -3.51
C SER A 19 -0.53 0.70 -4.73
N GLN A 20 -0.50 0.07 -5.91
CA GLN A 20 -0.14 0.78 -7.16
C GLN A 20 -1.25 1.75 -7.59
N TYR A 21 -1.22 2.94 -6.96
CA TYR A 21 -2.21 4.00 -7.21
C TYR A 21 -1.69 5.34 -6.70
N GLY A 22 -1.30 5.34 -5.43
CA GLY A 22 -0.80 6.55 -4.77
C GLY A 22 -1.24 6.62 -3.33
N PHE A 23 -1.71 5.49 -2.78
CA PHE A 23 -2.18 5.44 -1.40
C PHE A 23 -1.59 4.26 -0.62
N CYS A 24 -1.02 4.59 0.54
CA CYS A 24 -0.48 3.61 1.47
C CYS A 24 -1.00 3.90 2.88
N GLY A 25 -1.59 2.88 3.52
CA GLY A 25 -2.15 3.05 4.84
C GLY A 25 -2.58 1.72 5.46
N SER A 26 -3.71 1.73 6.18
CA SER A 26 -4.22 0.54 6.84
C SER A 26 -5.67 0.21 6.44
N THR A 27 -6.37 1.20 5.89
CA THR A 27 -7.77 1.05 5.48
C THR A 27 -7.93 0.00 4.37
N SER A 28 -9.16 -0.51 4.23
CA SER A 28 -9.49 -1.55 3.25
C SER A 28 -9.68 -0.97 1.84
N GLU A 29 -8.58 -0.47 1.30
CA GLU A 29 -8.51 0.12 -0.04
C GLU A 29 -7.10 -0.05 -0.57
N TYR A 30 -6.14 0.20 0.33
CA TYR A 30 -4.72 0.07 0.05
C TYR A 30 -4.15 -1.22 0.62
N CYS A 31 -4.79 -1.72 1.68
CA CYS A 31 -4.35 -2.95 2.34
C CYS A 31 -5.50 -3.96 2.48
N SER A 32 -5.77 -4.68 1.38
CA SER A 32 -6.82 -5.71 1.37
C SER A 32 -6.42 -6.86 0.44
N ARG A 33 -6.66 -8.09 0.90
CA ARG A 33 -6.32 -9.29 0.13
C ARG A 33 -7.38 -9.61 -0.95
N ALA A 34 -8.32 -8.68 -1.15
CA ALA A 34 -9.38 -8.85 -2.14
C ALA A 34 -9.25 -7.84 -3.28
N ASN A 35 -8.66 -6.68 -2.99
CA ASN A 35 -8.47 -5.62 -3.98
C ASN A 35 -7.14 -4.89 -3.81
N GLY A 36 -6.69 -4.80 -2.56
CA GLY A 36 -5.45 -4.10 -2.25
C GLY A 36 -4.23 -5.00 -2.22
N CYS A 37 -3.45 -4.92 -1.11
CA CYS A 37 -2.22 -5.69 -0.88
C CYS A 37 -1.39 -5.89 -2.15
N GLN A 38 -0.45 -4.96 -2.37
CA GLN A 38 0.42 -5.02 -3.55
C GLN A 38 1.87 -4.99 -3.07
N SER A 39 2.16 -4.08 -2.13
CA SER A 39 3.49 -3.97 -1.52
C SER A 39 3.56 -4.91 -0.30
N ASN A 40 4.45 -4.60 0.66
CA ASN A 40 4.59 -5.42 1.87
C ASN A 40 3.47 -5.09 2.87
N CYS A 41 2.31 -5.73 2.67
CA CYS A 41 1.16 -5.53 3.54
C CYS A 41 1.09 -6.56 4.66
N ARG A 42 0.52 -6.15 5.81
CA ARG A 42 0.34 -7.01 7.01
C ARG A 42 1.68 -7.62 7.50
N GLY A 43 2.79 -6.94 7.18
CA GLY A 43 4.11 -7.41 7.59
C GLY A 43 5.12 -6.30 7.71
N GLN A 1 0.67 9.69 3.13
CA GLN A 1 1.06 8.78 2.02
C GLN A 1 2.48 8.26 2.24
N ASN A 2 2.62 6.93 2.07
CA ASN A 2 3.92 6.27 2.24
C ASN A 2 4.47 5.78 0.91
N CYS A 3 3.58 5.48 -0.04
CA CYS A 3 3.96 4.95 -1.35
C CYS A 3 2.79 4.99 -2.35
N GLY A 4 3.05 4.51 -3.57
CA GLY A 4 2.04 4.47 -4.61
C GLY A 4 2.62 4.85 -5.96
N ARG A 5 1.86 5.60 -6.76
CA ARG A 5 2.31 6.03 -8.08
C ARG A 5 2.58 7.55 -8.11
N GLN A 6 2.47 8.20 -6.93
CA GLN A 6 2.69 9.65 -6.81
C GLN A 6 3.97 9.95 -6.02
N ALA A 7 4.36 9.02 -5.14
CA ALA A 7 5.56 9.18 -4.31
C ALA A 7 6.84 8.73 -5.05
N GLY A 8 6.68 8.40 -6.34
CA GLY A 8 7.81 7.94 -7.14
C GLY A 8 7.91 6.43 -7.18
N ASN A 9 6.77 5.75 -6.93
CA ASN A 9 6.66 4.27 -6.92
C ASN A 9 7.67 3.63 -5.95
N ARG A 10 7.38 3.79 -4.66
CA ARG A 10 8.20 3.23 -3.59
C ARG A 10 7.53 1.95 -3.05
N ALA A 11 7.88 1.54 -1.82
CA ALA A 11 7.29 0.35 -1.20
C ALA A 11 7.10 0.56 0.30
N CYS A 12 5.98 0.05 0.82
CA CYS A 12 5.67 0.18 2.24
C CYS A 12 6.04 -1.10 3.00
N ALA A 13 7.07 -0.99 3.85
CA ALA A 13 7.55 -2.12 4.66
C ALA A 13 7.76 -1.72 6.13
N ASN A 14 7.10 -0.64 6.56
CA ASN A 14 7.23 -0.14 7.94
C ASN A 14 6.14 -0.74 8.85
N GLN A 15 4.90 -0.30 8.66
CA GLN A 15 3.76 -0.79 9.44
C GLN A 15 2.46 -0.83 8.62
N LEU A 16 2.41 -0.01 7.56
CA LEU A 16 1.22 0.06 6.69
C LEU A 16 1.50 -0.62 5.35
N CYS A 17 0.59 -0.41 4.37
CA CYS A 17 0.71 -1.04 3.05
C CYS A 17 0.38 -0.12 1.89
N CYS A 18 1.18 -0.26 0.83
CA CYS A 18 1.06 0.53 -0.40
C CYS A 18 0.15 -0.10 -1.44
N SER A 19 -0.38 0.77 -2.29
CA SER A 19 -1.24 0.38 -3.40
C SER A 19 -0.81 1.07 -4.69
N GLN A 20 -1.21 0.52 -5.85
CA GLN A 20 -0.88 1.10 -7.15
C GLN A 20 -1.93 2.16 -7.49
N TYR A 21 -1.77 3.34 -6.88
CA TYR A 21 -2.71 4.48 -7.04
C TYR A 21 -2.12 5.74 -6.40
N GLY A 22 -1.55 5.56 -5.23
CA GLY A 22 -0.97 6.66 -4.46
C GLY A 22 -1.45 6.63 -3.03
N PHE A 23 -1.94 5.47 -2.58
CA PHE A 23 -2.45 5.32 -1.23
C PHE A 23 -1.78 4.17 -0.45
N CYS A 24 -1.05 4.55 0.60
CA CYS A 24 -0.43 3.58 1.50
C CYS A 24 -0.97 3.80 2.92
N GLY A 25 -1.61 2.76 3.47
CA GLY A 25 -2.18 2.85 4.81
C GLY A 25 -2.48 1.49 5.41
N SER A 26 -3.56 1.40 6.18
CA SER A 26 -3.94 0.15 6.84
C SER A 26 -5.38 -0.26 6.52
N THR A 27 -6.18 0.71 6.06
CA THR A 27 -7.59 0.48 5.71
C THR A 27 -7.75 -0.59 4.62
N SER A 28 -8.96 -1.17 4.53
CA SER A 28 -9.28 -2.23 3.58
C SER A 28 -9.61 -1.66 2.19
N GLU A 29 -8.57 -1.11 1.57
CA GLU A 29 -8.64 -0.53 0.23
C GLU A 29 -7.25 -0.63 -0.40
N TYR A 30 -6.26 -0.33 0.45
CA TYR A 30 -4.85 -0.40 0.07
C TYR A 30 -4.26 -1.73 0.53
N CYS A 31 -4.73 -2.20 1.69
CA CYS A 31 -4.29 -3.46 2.25
C CYS A 31 -5.37 -4.51 2.01
N SER A 32 -5.63 -4.78 0.72
CA SER A 32 -6.66 -5.74 0.30
C SER A 32 -6.28 -7.19 0.59
N ARG A 33 -7.13 -7.87 1.37
CA ARG A 33 -6.91 -9.28 1.72
C ARG A 33 -7.77 -10.20 0.85
N ALA A 34 -8.88 -9.66 0.36
CA ALA A 34 -9.80 -10.40 -0.51
C ALA A 34 -9.66 -9.99 -1.97
N ASN A 35 -9.32 -8.71 -2.18
CA ASN A 35 -9.13 -8.15 -3.53
C ASN A 35 -7.66 -8.20 -3.94
N GLY A 36 -6.76 -8.33 -2.96
CA GLY A 36 -5.33 -8.40 -3.24
C GLY A 36 -4.62 -7.07 -3.08
N CYS A 37 -3.72 -7.00 -2.08
CA CYS A 37 -2.94 -5.79 -1.80
C CYS A 37 -1.60 -5.83 -2.54
N GLN A 38 -0.78 -4.77 -2.40
CA GLN A 38 0.49 -4.71 -3.11
C GLN A 38 1.69 -4.84 -2.16
N SER A 39 1.91 -3.83 -1.31
CA SER A 39 3.04 -3.84 -0.37
C SER A 39 2.74 -4.68 0.89
N ASN A 40 3.66 -4.62 1.88
CA ASN A 40 3.54 -5.36 3.15
C ASN A 40 2.22 -5.04 3.87
N CYS A 41 1.22 -5.85 3.56
CA CYS A 41 -0.12 -5.70 4.12
C CYS A 41 -0.44 -6.82 5.11
N ARG A 42 -0.35 -8.05 4.62
CA ARG A 42 -0.62 -9.25 5.41
C ARG A 42 0.68 -9.90 5.90
N GLY A 43 1.73 -9.76 5.11
CA GLY A 43 3.03 -10.32 5.45
C GLY A 43 4.18 -9.53 4.87
N GLN A 1 0.71 9.78 3.18
CA GLN A 1 1.17 8.96 2.04
C GLN A 1 2.61 8.49 2.25
N ASN A 2 2.84 7.20 1.99
CA ASN A 2 4.17 6.59 2.16
C ASN A 2 4.68 6.01 0.85
N CYS A 3 3.76 5.45 0.06
CA CYS A 3 4.10 4.79 -1.20
C CYS A 3 2.88 4.72 -2.14
N GLY A 4 3.08 4.11 -3.32
CA GLY A 4 2.02 3.97 -4.31
C GLY A 4 2.48 4.33 -5.70
N ARG A 5 1.59 4.94 -6.49
CA ARG A 5 1.93 5.34 -7.87
C ARG A 5 2.04 6.88 -8.00
N GLN A 6 2.05 7.56 -6.85
CA GLN A 6 2.15 9.03 -6.83
C GLN A 6 3.48 9.51 -6.25
N ALA A 7 4.08 8.67 -5.39
CA ALA A 7 5.36 8.99 -4.75
C ALA A 7 6.56 8.51 -5.60
N GLY A 8 6.26 7.93 -6.76
CA GLY A 8 7.30 7.42 -7.65
C GLY A 8 7.53 5.93 -7.46
N ASN A 9 6.47 5.22 -7.03
CA ASN A 9 6.49 3.76 -6.79
C ASN A 9 7.60 3.36 -5.79
N ARG A 10 7.35 3.66 -4.52
CA ARG A 10 8.28 3.34 -3.44
C ARG A 10 7.77 2.10 -2.67
N ALA A 11 8.17 1.94 -1.41
CA ALA A 11 7.73 0.81 -0.59
C ALA A 11 7.39 1.26 0.82
N CYS A 12 6.33 0.67 1.39
CA CYS A 12 5.87 1.01 2.74
C CYS A 12 6.63 0.22 3.82
N ALA A 13 6.27 0.50 5.09
CA ALA A 13 6.88 -0.16 6.25
C ALA A 13 6.23 -1.53 6.53
N ASN A 14 6.40 -2.05 7.75
CA ASN A 14 5.87 -3.34 8.16
C ASN A 14 4.50 -3.24 8.86
N GLN A 15 4.11 -2.01 9.25
CA GLN A 15 2.84 -1.80 9.95
C GLN A 15 1.73 -1.32 9.01
N LEU A 16 2.14 -0.87 7.82
CA LEU A 16 1.21 -0.37 6.81
C LEU A 16 1.60 -0.87 5.42
N CYS A 17 0.89 -0.41 4.36
CA CYS A 17 1.17 -0.84 2.99
C CYS A 17 0.53 0.06 1.95
N CYS A 18 1.17 0.11 0.77
CA CYS A 18 0.67 0.89 -0.36
C CYS A 18 0.08 0.00 -1.46
N SER A 19 -0.77 0.62 -2.27
CA SER A 19 -1.42 -0.03 -3.40
C SER A 19 -1.25 0.82 -4.68
N GLN A 20 -1.69 0.29 -5.83
CA GLN A 20 -1.60 1.00 -7.10
C GLN A 20 -2.64 2.14 -7.14
N TYR A 21 -2.31 3.23 -6.45
CA TYR A 21 -3.18 4.41 -6.33
C TYR A 21 -2.37 5.63 -5.89
N GLY A 22 -1.64 5.44 -4.79
CA GLY A 22 -0.84 6.50 -4.21
C GLY A 22 -1.13 6.67 -2.73
N PHE A 23 -1.69 5.61 -2.12
CA PHE A 23 -2.06 5.63 -0.71
C PHE A 23 -1.50 4.42 0.05
N CYS A 24 -0.81 4.71 1.16
CA CYS A 24 -0.29 3.70 2.06
C CYS A 24 -1.07 3.74 3.39
N GLY A 25 -1.21 2.58 4.03
CA GLY A 25 -1.94 2.51 5.30
C GLY A 25 -2.32 1.08 5.69
N SER A 26 -3.58 0.88 6.07
CA SER A 26 -4.07 -0.44 6.50
C SER A 26 -5.42 -0.81 5.90
N THR A 27 -6.22 0.20 5.55
CA THR A 27 -7.56 0.03 4.96
C THR A 27 -7.53 -0.83 3.68
N SER A 28 -8.71 -1.34 3.29
CA SER A 28 -8.86 -2.19 2.11
C SER A 28 -8.99 -1.36 0.81
N GLU A 29 -8.00 -0.48 0.63
CA GLU A 29 -7.91 0.40 -0.54
C GLU A 29 -6.43 0.58 -0.86
N TYR A 30 -5.66 0.69 0.22
CA TYR A 30 -4.20 0.81 0.17
C TYR A 30 -3.59 -0.58 0.32
N CYS A 31 -4.34 -1.45 1.01
CA CYS A 31 -3.95 -2.84 1.22
C CYS A 31 -4.98 -3.76 0.57
N SER A 32 -4.86 -3.90 -0.74
CA SER A 32 -5.76 -4.73 -1.54
C SER A 32 -5.48 -6.23 -1.37
N ARG A 33 -6.39 -6.89 -0.64
CA ARG A 33 -6.29 -8.34 -0.39
C ARG A 33 -7.00 -9.12 -1.50
N ALA A 34 -8.00 -8.49 -2.11
CA ALA A 34 -8.77 -9.08 -3.19
C ALA A 34 -8.45 -8.42 -4.53
N ASN A 35 -7.90 -7.19 -4.47
CA ASN A 35 -7.53 -6.45 -5.68
C ASN A 35 -6.03 -6.51 -5.96
N GLY A 36 -5.23 -6.85 -4.93
CA GLY A 36 -3.79 -6.97 -5.09
C GLY A 36 -3.00 -5.90 -4.37
N CYS A 37 -2.21 -6.33 -3.37
CA CYS A 37 -1.36 -5.43 -2.59
C CYS A 37 -0.06 -5.10 -3.33
N GLN A 38 0.49 -3.92 -3.05
CA GLN A 38 1.75 -3.50 -3.66
C GLN A 38 2.89 -3.65 -2.67
N SER A 39 2.71 -3.06 -1.48
CA SER A 39 3.71 -3.15 -0.41
C SER A 39 3.38 -4.29 0.57
N ASN A 40 4.02 -4.23 1.74
CA ASN A 40 3.85 -5.21 2.81
C ASN A 40 2.50 -5.05 3.54
N CYS A 41 1.45 -5.67 2.98
CA CYS A 41 0.12 -5.61 3.59
C CYS A 41 -0.12 -6.79 4.53
N ARG A 42 -0.21 -7.98 3.95
CA ARG A 42 -0.44 -9.21 4.71
C ARG A 42 0.54 -10.31 4.31
N GLY A 43 0.97 -10.28 3.05
CA GLY A 43 1.91 -11.26 2.52
C GLY A 43 1.24 -12.28 1.64
N GLN A 1 0.26 9.67 2.90
CA GLN A 1 0.58 8.54 1.99
C GLN A 1 2.02 8.08 2.20
N ASN A 2 2.23 6.77 2.14
CA ASN A 2 3.56 6.18 2.33
C ASN A 2 4.15 5.70 1.00
N CYS A 3 3.28 5.41 0.02
CA CYS A 3 3.71 4.90 -1.29
C CYS A 3 2.53 4.85 -2.27
N GLY A 4 2.81 4.44 -3.51
CA GLY A 4 1.80 4.31 -4.54
C GLY A 4 2.31 4.63 -5.93
N ARG A 5 1.65 5.56 -6.60
CA ARG A 5 2.03 5.97 -7.96
C ARG A 5 2.39 7.46 -7.99
N GLN A 6 1.96 8.19 -6.97
CA GLN A 6 2.20 9.64 -6.86
C GLN A 6 3.44 9.97 -6.03
N ALA A 7 3.81 9.04 -5.13
CA ALA A 7 4.98 9.22 -4.25
C ALA A 7 6.28 8.77 -4.93
N GLY A 8 6.24 8.63 -6.26
CA GLY A 8 7.40 8.19 -7.02
C GLY A 8 7.48 6.68 -7.13
N ASN A 9 6.34 6.02 -6.83
CA ASN A 9 6.20 4.54 -6.86
C ASN A 9 7.24 3.86 -5.94
N ARG A 10 7.01 3.99 -4.63
CA ARG A 10 7.90 3.39 -3.61
C ARG A 10 7.30 2.08 -3.09
N ALA A 11 7.65 1.68 -1.86
CA ALA A 11 7.13 0.46 -1.23
C ALA A 11 7.09 0.59 0.28
N CYS A 12 6.06 0.01 0.92
CA CYS A 12 5.91 0.08 2.38
C CYS A 12 6.37 -1.23 3.02
N ALA A 13 7.25 -1.12 4.03
CA ALA A 13 7.80 -2.29 4.72
C ALA A 13 7.83 -2.15 6.25
N ASN A 14 7.27 -1.05 6.78
CA ASN A 14 7.25 -0.81 8.22
C ASN A 14 6.03 -1.48 8.88
N GLN A 15 4.84 -0.95 8.58
CA GLN A 15 3.57 -1.46 9.10
C GLN A 15 2.47 -1.25 8.07
N LEU A 16 2.51 -0.10 7.42
CA LEU A 16 1.56 0.31 6.38
C LEU A 16 1.60 -0.59 5.16
N CYS A 17 0.68 -0.35 4.22
CA CYS A 17 0.62 -1.13 2.98
C CYS A 17 0.18 -0.31 1.79
N CYS A 18 1.05 -0.37 0.78
CA CYS A 18 0.90 0.33 -0.48
C CYS A 18 0.19 -0.49 -1.55
N SER A 19 -0.48 0.24 -2.46
CA SER A 19 -1.18 -0.34 -3.60
C SER A 19 -0.98 0.54 -4.84
N GLN A 20 -1.24 -0.01 -6.03
CA GLN A 20 -1.08 0.74 -7.29
C GLN A 20 -2.19 1.80 -7.42
N TYR A 21 -1.96 2.95 -6.75
CA TYR A 21 -2.91 4.07 -6.75
C TYR A 21 -2.20 5.37 -6.36
N GLY A 22 -1.64 5.36 -5.16
CA GLY A 22 -0.95 6.52 -4.61
C GLY A 22 -1.11 6.61 -3.10
N PHE A 23 -1.67 5.55 -2.49
CA PHE A 23 -1.89 5.53 -1.05
C PHE A 23 -1.36 4.25 -0.40
N CYS A 24 -0.89 4.40 0.83
CA CYS A 24 -0.38 3.32 1.66
C CYS A 24 -0.88 3.51 3.10
N GLY A 25 -1.35 2.42 3.73
CA GLY A 25 -1.86 2.53 5.09
C GLY A 25 -2.35 1.20 5.65
N SER A 26 -3.62 1.18 6.09
CA SER A 26 -4.23 -0.02 6.67
C SER A 26 -5.63 -0.29 6.13
N THR A 27 -6.25 0.73 5.54
CA THR A 27 -7.62 0.62 4.98
C THR A 27 -7.67 -0.33 3.77
N SER A 28 -8.88 -0.76 3.41
CA SER A 28 -9.12 -1.70 2.31
C SER A 28 -9.13 -1.02 0.93
N GLU A 29 -8.17 -0.12 0.72
CA GLU A 29 -8.02 0.60 -0.53
C GLU A 29 -6.54 0.55 -0.92
N TYR A 30 -5.72 0.78 0.09
CA TYR A 30 -4.26 0.75 -0.04
C TYR A 30 -3.74 -0.58 0.52
N CYS A 31 -4.45 -1.07 1.53
CA CYS A 31 -4.14 -2.32 2.18
C CYS A 31 -5.34 -3.24 2.14
N SER A 32 -5.44 -4.01 1.06
CA SER A 32 -6.56 -4.94 0.86
C SER A 32 -6.37 -6.25 1.62
N ARG A 33 -7.41 -6.63 2.38
CA ARG A 33 -7.40 -7.87 3.16
C ARG A 33 -8.19 -8.97 2.44
N ALA A 34 -9.12 -8.55 1.57
CA ALA A 34 -9.94 -9.47 0.80
C ALA A 34 -9.80 -9.23 -0.71
N ASN A 35 -9.36 -8.03 -1.08
CA ASN A 35 -9.15 -7.66 -2.49
C ASN A 35 -7.71 -7.93 -2.95
N GLY A 36 -6.80 -8.11 -1.98
CA GLY A 36 -5.41 -8.39 -2.30
C GLY A 36 -4.52 -7.16 -2.27
N CYS A 37 -3.71 -7.04 -1.22
CA CYS A 37 -2.78 -5.91 -1.05
C CYS A 37 -1.47 -6.18 -1.79
N GLN A 38 -0.63 -5.14 -1.95
CA GLN A 38 0.63 -5.28 -2.68
C GLN A 38 1.84 -5.26 -1.76
N SER A 39 2.09 -4.10 -1.10
CA SER A 39 3.22 -3.94 -0.19
C SER A 39 3.07 -4.78 1.10
N ASN A 40 4.04 -4.65 2.02
CA ASN A 40 4.06 -5.38 3.29
C ASN A 40 2.78 -5.15 4.11
N CYS A 41 1.79 -6.02 3.88
CA CYS A 41 0.50 -5.95 4.56
C CYS A 41 0.25 -7.20 5.40
N ARG A 42 -0.61 -7.06 6.43
CA ARG A 42 -1.01 -8.17 7.35
C ARG A 42 0.15 -8.67 8.24
N GLY A 43 1.38 -8.29 7.90
CA GLY A 43 2.54 -8.70 8.67
C GLY A 43 3.83 -8.07 8.19
N GLN A 1 0.83 10.00 2.65
CA GLN A 1 1.02 8.74 1.89
C GLN A 1 2.45 8.22 2.04
N ASN A 2 2.57 6.89 2.18
CA ASN A 2 3.88 6.24 2.33
C ASN A 2 4.41 5.72 1.00
N CYS A 3 3.51 5.47 0.03
CA CYS A 3 3.90 4.92 -1.27
C CYS A 3 2.70 4.92 -2.25
N GLY A 4 2.97 4.46 -3.48
CA GLY A 4 1.95 4.38 -4.50
C GLY A 4 2.50 4.63 -5.89
N ARG A 5 2.04 5.70 -6.53
CA ARG A 5 2.48 6.07 -7.88
C ARG A 5 2.90 7.54 -7.92
N GLN A 6 2.39 8.30 -6.96
CA GLN A 6 2.66 9.74 -6.85
C GLN A 6 3.87 10.03 -5.94
N ALA A 7 4.18 9.08 -5.06
CA ALA A 7 5.31 9.22 -4.13
C ALA A 7 6.62 8.72 -4.74
N GLY A 8 6.61 8.53 -6.08
CA GLY A 8 7.79 8.04 -6.79
C GLY A 8 7.78 6.53 -6.93
N ASN A 9 6.60 5.93 -6.68
CA ASN A 9 6.38 4.46 -6.75
C ASN A 9 7.37 3.69 -5.86
N ARG A 10 7.21 3.88 -4.54
CA ARG A 10 8.06 3.23 -3.54
C ARG A 10 7.39 1.92 -3.06
N ALA A 11 7.69 1.48 -1.82
CA ALA A 11 7.11 0.26 -1.25
C ALA A 11 6.88 0.43 0.25
N CYS A 12 5.76 -0.11 0.75
CA CYS A 12 5.42 -0.03 2.17
C CYS A 12 5.66 -1.36 2.87
N ALA A 13 6.66 -1.38 3.76
CA ALA A 13 7.03 -2.58 4.52
C ALA A 13 7.43 -2.24 5.97
N ASN A 14 7.03 -1.05 6.44
CA ASN A 14 7.36 -0.61 7.79
C ASN A 14 6.25 -0.96 8.79
N GLN A 15 5.06 -0.42 8.57
CA GLN A 15 3.89 -0.67 9.44
C GLN A 15 2.59 -0.72 8.64
N LEU A 16 2.50 0.14 7.63
CA LEU A 16 1.31 0.22 6.78
C LEU A 16 1.58 -0.46 5.41
N CYS A 17 0.60 -0.37 4.49
CA CYS A 17 0.74 -1.01 3.18
C CYS A 17 0.44 -0.07 2.03
N CYS A 18 1.19 -0.27 0.94
CA CYS A 18 1.07 0.52 -0.28
C CYS A 18 0.10 -0.06 -1.28
N SER A 19 -0.37 0.81 -2.18
CA SER A 19 -1.26 0.45 -3.26
C SER A 19 -0.71 1.01 -4.58
N GLN A 20 -1.24 0.56 -5.72
CA GLN A 20 -0.77 1.02 -7.02
C GLN A 20 -1.66 2.13 -7.60
N TYR A 21 -1.54 3.34 -7.01
CA TYR A 21 -2.29 4.54 -7.47
C TYR A 21 -1.91 5.78 -6.65
N GLY A 22 -1.42 5.56 -5.42
CA GLY A 22 -1.01 6.67 -4.57
C GLY A 22 -1.63 6.63 -3.19
N PHE A 23 -1.77 5.42 -2.61
CA PHE A 23 -2.36 5.28 -1.27
C PHE A 23 -1.71 4.17 -0.45
N CYS A 24 -1.06 4.55 0.64
CA CYS A 24 -0.47 3.62 1.57
C CYS A 24 -1.04 3.85 2.97
N GLY A 25 -1.62 2.79 3.57
CA GLY A 25 -2.22 2.90 4.88
C GLY A 25 -2.54 1.54 5.49
N SER A 26 -3.73 1.43 6.11
CA SER A 26 -4.15 0.18 6.76
C SER A 26 -5.58 -0.21 6.38
N THR A 27 -6.36 0.77 5.90
CA THR A 27 -7.76 0.56 5.51
C THR A 27 -7.90 -0.51 4.41
N SER A 28 -9.12 -1.04 4.26
CA SER A 28 -9.42 -2.10 3.28
C SER A 28 -9.61 -1.53 1.86
N GLU A 29 -8.51 -1.02 1.32
CA GLU A 29 -8.46 -0.46 -0.04
C GLU A 29 -7.04 -0.60 -0.55
N TYR A 30 -6.10 -0.32 0.36
CA TYR A 30 -4.67 -0.42 0.10
C TYR A 30 -4.12 -1.73 0.66
N CYS A 31 -4.71 -2.18 1.76
CA CYS A 31 -4.34 -3.42 2.41
C CYS A 31 -5.47 -4.44 2.25
N SER A 32 -5.75 -4.80 0.99
CA SER A 32 -6.83 -5.74 0.69
C SER A 32 -6.31 -7.17 0.58
N ARG A 33 -6.90 -8.05 1.40
CA ARG A 33 -6.53 -9.47 1.42
C ARG A 33 -7.50 -10.30 0.55
N ALA A 34 -8.69 -9.74 0.31
CA ALA A 34 -9.73 -10.40 -0.51
C ALA A 34 -9.62 -9.97 -1.97
N ASN A 35 -9.15 -8.75 -2.20
CA ASN A 35 -8.99 -8.20 -3.55
C ASN A 35 -7.55 -8.34 -4.03
N GLY A 36 -6.61 -8.18 -3.11
CA GLY A 36 -5.20 -8.30 -3.43
C GLY A 36 -4.40 -7.08 -3.04
N CYS A 37 -3.42 -7.27 -2.14
CA CYS A 37 -2.54 -6.20 -1.67
C CYS A 37 -1.47 -5.88 -2.73
N GLN A 38 -0.83 -4.71 -2.61
CA GLN A 38 0.20 -4.33 -3.56
C GLN A 38 1.56 -4.49 -2.89
N SER A 39 1.77 -3.80 -1.76
CA SER A 39 2.99 -3.95 -0.98
C SER A 39 2.75 -4.86 0.22
N ASN A 40 3.79 -5.04 1.05
CA ASN A 40 3.72 -5.88 2.26
C ASN A 40 2.64 -5.39 3.24
N CYS A 41 1.42 -5.91 3.07
CA CYS A 41 0.29 -5.54 3.92
C CYS A 41 0.20 -6.42 5.17
N ARG A 42 -0.02 -7.71 4.94
CA ARG A 42 -0.11 -8.70 6.03
C ARG A 42 0.82 -9.88 5.80
N GLY A 43 1.14 -10.14 4.53
CA GLY A 43 2.03 -11.24 4.17
C GLY A 43 1.96 -11.58 2.69
N GLN A 1 -0.09 9.25 3.40
CA GLN A 1 0.50 8.58 2.21
C GLN A 1 1.96 8.19 2.46
N ASN A 2 2.30 6.96 2.08
CA ASN A 2 3.66 6.43 2.26
C ASN A 2 4.26 5.94 0.95
N CYS A 3 3.37 5.57 0.00
CA CYS A 3 3.80 5.02 -1.30
C CYS A 3 2.62 4.93 -2.28
N GLY A 4 2.91 4.46 -3.50
CA GLY A 4 1.90 4.30 -4.52
C GLY A 4 2.40 4.65 -5.91
N ARG A 5 1.90 5.77 -6.44
CA ARG A 5 2.28 6.24 -7.79
C ARG A 5 2.64 7.72 -7.76
N GLN A 6 2.16 8.41 -6.72
CA GLN A 6 2.39 9.85 -6.53
C GLN A 6 3.69 10.14 -5.80
N ALA A 7 4.13 9.19 -4.97
CA ALA A 7 5.36 9.33 -4.19
C ALA A 7 6.59 8.84 -4.97
N GLY A 8 6.40 8.62 -6.28
CA GLY A 8 7.47 8.14 -7.14
C GLY A 8 7.49 6.62 -7.23
N ASN A 9 6.34 6.01 -6.89
CA ASN A 9 6.14 4.54 -6.90
C ASN A 9 7.19 3.82 -6.02
N ARG A 10 7.01 3.97 -4.71
CA ARG A 10 7.90 3.35 -3.71
C ARG A 10 7.29 2.03 -3.21
N ALA A 11 7.70 1.58 -2.01
CA ALA A 11 7.18 0.34 -1.42
C ALA A 11 7.04 0.49 0.10
N CYS A 12 5.93 -0.01 0.65
CA CYS A 12 5.67 0.06 2.09
C CYS A 12 5.98 -1.27 2.77
N ALA A 13 6.98 -1.25 3.66
CA ALA A 13 7.40 -2.45 4.41
C ALA A 13 7.78 -2.12 5.86
N ASN A 14 7.26 -0.99 6.37
CA ASN A 14 7.54 -0.56 7.74
C ASN A 14 6.48 -1.06 8.73
N GLN A 15 5.27 -0.50 8.61
CA GLN A 15 4.15 -0.88 9.49
C GLN A 15 2.83 -0.90 8.73
N LEU A 16 2.69 0.03 7.78
CA LEU A 16 1.48 0.14 6.96
C LEU A 16 1.69 -0.53 5.59
N CYS A 17 0.73 -0.34 4.66
CA CYS A 17 0.83 -0.99 3.34
C CYS A 17 0.39 -0.12 2.17
N CYS A 18 1.17 -0.25 1.11
CA CYS A 18 0.99 0.48 -0.14
C CYS A 18 0.29 -0.35 -1.22
N SER A 19 -0.28 0.38 -2.18
CA SER A 19 -0.95 -0.20 -3.34
C SER A 19 -0.57 0.58 -4.60
N GLN A 20 -0.77 -0.01 -5.79
CA GLN A 20 -0.46 0.65 -7.06
C GLN A 20 -1.55 1.68 -7.41
N TYR A 21 -1.44 2.87 -6.77
CA TYR A 21 -2.39 3.96 -6.96
C TYR A 21 -1.78 5.29 -6.51
N GLY A 22 -1.46 5.35 -5.22
CA GLY A 22 -0.88 6.54 -4.61
C GLY A 22 -1.23 6.64 -3.14
N PHE A 23 -1.70 5.52 -2.55
CA PHE A 23 -2.08 5.49 -1.15
C PHE A 23 -1.47 4.29 -0.41
N CYS A 24 -0.90 4.58 0.77
CA CYS A 24 -0.34 3.58 1.66
C CYS A 24 -0.84 3.83 3.08
N GLY A 25 -1.37 2.77 3.72
CA GLY A 25 -1.92 2.90 5.07
C GLY A 25 -2.30 1.55 5.66
N SER A 26 -3.52 1.47 6.23
CA SER A 26 -4.01 0.24 6.84
C SER A 26 -5.46 -0.09 6.45
N THR A 27 -6.18 0.93 5.95
CA THR A 27 -7.58 0.79 5.55
C THR A 27 -7.74 -0.17 4.35
N SER A 28 -8.97 -0.68 4.18
CA SER A 28 -9.29 -1.63 3.10
C SER A 28 -9.55 -0.89 1.78
N GLU A 29 -8.48 -0.29 1.26
CA GLU A 29 -8.48 0.46 0.00
C GLU A 29 -7.08 0.40 -0.60
N TYR A 30 -6.11 0.49 0.30
CA TYR A 30 -4.68 0.42 -0.04
C TYR A 30 -4.17 -1.00 0.17
N CYS A 31 -4.85 -1.74 1.06
CA CYS A 31 -4.48 -3.10 1.38
C CYS A 31 -5.71 -4.03 1.34
N SER A 32 -6.03 -4.50 0.13
CA SER A 32 -7.15 -5.42 -0.07
C SER A 32 -6.67 -6.73 -0.66
N ARG A 33 -7.20 -7.84 -0.15
CA ARG A 33 -6.80 -9.17 -0.63
C ARG A 33 -7.61 -9.59 -1.89
N ALA A 34 -8.44 -8.68 -2.40
CA ALA A 34 -9.26 -8.96 -3.57
C ALA A 34 -9.10 -7.90 -4.66
N ASN A 35 -8.64 -6.69 -4.27
CA ASN A 35 -8.46 -5.58 -5.22
C ASN A 35 -7.22 -4.74 -4.90
N GLY A 36 -6.61 -4.96 -3.72
CA GLY A 36 -5.45 -4.17 -3.33
C GLY A 36 -4.23 -5.00 -3.01
N CYS A 37 -3.76 -4.86 -1.75
CA CYS A 37 -2.57 -5.54 -1.21
C CYS A 37 -1.44 -5.76 -2.22
N GLN A 38 -0.45 -4.87 -2.17
CA GLN A 38 0.72 -4.94 -3.06
C GLN A 38 1.98 -4.97 -2.21
N SER A 39 2.04 -4.05 -1.24
CA SER A 39 3.16 -3.93 -0.31
C SER A 39 2.96 -4.90 0.87
N ASN A 40 3.83 -4.78 1.91
CA ASN A 40 3.76 -5.65 3.09
C ASN A 40 2.49 -5.38 3.92
N CYS A 41 1.41 -6.06 3.54
CA CYS A 41 0.12 -5.93 4.22
C CYS A 41 -0.26 -7.21 4.97
N ARG A 42 -0.23 -8.32 4.26
CA ARG A 42 -0.60 -9.62 4.82
C ARG A 42 0.65 -10.44 5.19
N GLY A 43 1.71 -10.27 4.40
CA GLY A 43 2.95 -10.98 4.64
C GLY A 43 4.15 -10.05 4.70
N GLN A 1 -0.41 8.69 3.74
CA GLN A 1 0.25 8.20 2.49
C GLN A 1 1.71 7.83 2.77
N ASN A 2 2.12 6.69 2.21
CA ASN A 2 3.50 6.20 2.38
C ASN A 2 4.11 5.75 1.05
N CYS A 3 3.26 5.46 0.06
CA CYS A 3 3.72 4.98 -1.26
C CYS A 3 2.56 4.96 -2.27
N GLY A 4 2.87 4.47 -3.49
CA GLY A 4 1.87 4.38 -4.55
C GLY A 4 2.35 4.98 -5.85
N ARG A 5 1.42 5.29 -6.76
CA ARG A 5 1.76 5.87 -8.07
C ARG A 5 1.81 7.41 -8.02
N GLN A 6 1.79 7.96 -6.79
CA GLN A 6 1.82 9.41 -6.57
C GLN A 6 3.08 9.84 -5.82
N ALA A 7 3.66 8.91 -5.06
CA ALA A 7 4.87 9.17 -4.28
C ALA A 7 6.15 8.85 -5.05
N GLY A 8 5.98 8.22 -6.23
CA GLY A 8 7.11 7.85 -7.05
C GLY A 8 7.36 6.35 -7.04
N ASN A 9 6.24 5.58 -6.99
CA ASN A 9 6.24 4.10 -6.96
C ASN A 9 7.25 3.50 -5.97
N ARG A 10 7.02 3.78 -4.68
CA ARG A 10 7.86 3.28 -3.59
C ARG A 10 7.26 1.98 -3.03
N ALA A 11 7.65 1.59 -1.80
CA ALA A 11 7.12 0.38 -1.17
C ALA A 11 6.99 0.55 0.33
N CYS A 12 5.95 -0.06 0.91
CA CYS A 12 5.70 0.00 2.36
C CYS A 12 6.07 -1.31 3.03
N ALA A 13 7.07 -1.26 3.92
CA ALA A 13 7.53 -2.44 4.65
C ALA A 13 7.77 -2.15 6.15
N ASN A 14 7.06 -1.13 6.68
CA ASN A 14 7.19 -0.76 8.08
C ASN A 14 6.11 -1.44 8.94
N GLN A 15 4.88 -0.96 8.82
CA GLN A 15 3.73 -1.51 9.57
C GLN A 15 2.44 -1.42 8.76
N LEU A 16 2.43 -0.54 7.75
CA LEU A 16 1.27 -0.33 6.89
C LEU A 16 1.49 -0.98 5.51
N CYS A 17 0.62 -0.66 4.53
CA CYS A 17 0.72 -1.25 3.19
C CYS A 17 0.29 -0.33 2.06
N CYS A 18 1.08 -0.41 0.99
CA CYS A 18 0.89 0.37 -0.23
C CYS A 18 0.22 -0.42 -1.34
N SER A 19 -0.40 0.32 -2.28
CA SER A 19 -1.05 -0.27 -3.45
C SER A 19 -0.88 0.67 -4.66
N GLN A 20 -1.07 0.12 -5.87
CA GLN A 20 -0.95 0.90 -7.12
C GLN A 20 -2.12 1.89 -7.27
N TYR A 21 -1.98 3.04 -6.58
CA TYR A 21 -3.01 4.09 -6.57
C TYR A 21 -2.42 5.43 -6.09
N GLY A 22 -1.39 5.34 -5.26
CA GLY A 22 -0.75 6.53 -4.71
C GLY A 22 -0.99 6.68 -3.22
N PHE A 23 -1.57 5.63 -2.61
CA PHE A 23 -1.87 5.64 -1.19
C PHE A 23 -1.39 4.38 -0.48
N CYS A 24 -0.89 4.57 0.74
CA CYS A 24 -0.42 3.49 1.60
C CYS A 24 -0.97 3.70 3.01
N GLY A 25 -1.24 2.60 3.73
CA GLY A 25 -1.80 2.68 5.07
C GLY A 25 -2.33 1.34 5.56
N SER A 26 -3.57 1.33 6.05
CA SER A 26 -4.17 0.10 6.58
C SER A 26 -5.58 -0.16 6.03
N THR A 27 -6.23 0.90 5.53
CA THR A 27 -7.59 0.79 4.98
C THR A 27 -7.65 -0.16 3.77
N SER A 28 -8.87 -0.59 3.42
CA SER A 28 -9.11 -1.53 2.32
C SER A 28 -9.12 -0.82 0.94
N GLU A 29 -8.05 -0.11 0.67
CA GLU A 29 -7.86 0.61 -0.60
C GLU A 29 -6.38 0.59 -0.95
N TYR A 30 -5.56 0.81 0.08
CA TYR A 30 -4.11 0.80 -0.02
C TYR A 30 -3.58 -0.55 0.45
N CYS A 31 -4.29 -1.14 1.41
CA CYS A 31 -3.95 -2.44 1.97
C CYS A 31 -5.14 -3.37 1.84
N SER A 32 -5.21 -4.08 0.71
CA SER A 32 -6.31 -5.00 0.43
C SER A 32 -6.06 -6.40 1.00
N ARG A 33 -7.07 -6.90 1.72
CA ARG A 33 -7.01 -8.24 2.33
C ARG A 33 -7.84 -9.24 1.51
N ALA A 34 -8.89 -8.72 0.87
CA ALA A 34 -9.79 -9.54 0.04
C ALA A 34 -9.62 -9.22 -1.44
N ASN A 35 -9.18 -7.99 -1.74
CA ASN A 35 -8.95 -7.55 -3.12
C ASN A 35 -7.51 -7.77 -3.56
N GLY A 36 -6.61 -7.98 -2.58
CA GLY A 36 -5.20 -8.23 -2.87
C GLY A 36 -4.34 -6.98 -2.75
N CYS A 37 -3.44 -6.98 -1.76
CA CYS A 37 -2.53 -5.85 -1.53
C CYS A 37 -1.26 -6.01 -2.36
N GLN A 38 -0.45 -4.93 -2.45
CA GLN A 38 0.78 -4.96 -3.25
C GLN A 38 2.02 -5.01 -2.37
N SER A 39 2.18 -3.99 -1.52
CA SER A 39 3.32 -3.87 -0.62
C SER A 39 3.23 -4.83 0.56
N ASN A 40 4.19 -4.73 1.50
CA ASN A 40 4.23 -5.58 2.69
C ASN A 40 3.04 -5.34 3.61
N CYS A 41 1.95 -6.04 3.31
CA CYS A 41 0.71 -5.94 4.07
C CYS A 41 0.66 -7.03 5.16
N ARG A 42 -0.55 -7.30 5.71
CA ARG A 42 -0.73 -8.32 6.77
C ARG A 42 -0.33 -9.73 6.30
N GLY A 43 0.95 -10.06 6.53
CA GLY A 43 1.48 -11.35 6.14
C GLY A 43 1.49 -12.35 7.29
N GLN A 1 1.43 10.01 3.14
CA GLN A 1 1.71 8.99 2.10
C GLN A 1 3.07 8.33 2.34
N ASN A 2 3.15 7.04 2.01
CA ASN A 2 4.38 6.26 2.19
C ASN A 2 4.79 5.60 0.89
N CYS A 3 3.80 5.26 0.06
CA CYS A 3 4.03 4.57 -1.22
C CYS A 3 2.78 4.60 -2.11
N GLY A 4 2.97 4.16 -3.36
CA GLY A 4 1.87 4.13 -4.32
C GLY A 4 2.20 4.90 -5.59
N ARG A 5 1.17 5.14 -6.41
CA ARG A 5 1.35 5.88 -7.67
C ARG A 5 1.13 7.38 -7.46
N GLN A 6 2.03 7.97 -6.67
CA GLN A 6 2.02 9.41 -6.34
C GLN A 6 3.40 9.88 -5.90
N ALA A 7 4.10 8.99 -5.18
CA ALA A 7 5.44 9.27 -4.67
C ALA A 7 6.53 8.79 -5.63
N GLY A 8 6.18 7.77 -6.43
CA GLY A 8 7.10 7.21 -7.39
C GLY A 8 7.10 5.68 -7.35
N ASN A 9 5.96 5.10 -6.95
CA ASN A 9 5.76 3.63 -6.84
C ASN A 9 6.80 2.99 -5.90
N ARG A 10 6.88 3.54 -4.67
CA ARG A 10 7.80 3.02 -3.65
C ARG A 10 7.21 1.77 -2.98
N ALA A 11 7.70 1.40 -1.79
CA ALA A 11 7.20 0.22 -1.07
C ALA A 11 7.04 0.50 0.41
N CYS A 12 5.93 -0.01 0.99
CA CYS A 12 5.64 0.17 2.41
C CYS A 12 6.05 -1.08 3.20
N ALA A 13 7.10 -0.92 4.02
CA ALA A 13 7.62 -2.02 4.85
C ALA A 13 7.94 -1.58 6.28
N ASN A 14 7.30 -0.49 6.73
CA ASN A 14 7.52 0.06 8.07
C ASN A 14 6.51 -0.50 9.08
N GLN A 15 5.24 -0.13 8.90
CA GLN A 15 4.15 -0.59 9.79
C GLN A 15 2.84 -0.75 9.02
N LEU A 16 2.66 0.11 8.01
CA LEU A 16 1.45 0.09 7.17
C LEU A 16 1.75 -0.52 5.80
N CYS A 17 0.77 -0.46 4.87
CA CYS A 17 0.93 -1.05 3.53
C CYS A 17 0.27 -0.22 2.45
N CYS A 18 0.91 -0.22 1.28
CA CYS A 18 0.43 0.54 0.11
C CYS A 18 -0.05 -0.37 -1.03
N SER A 19 -0.84 0.25 -1.92
CA SER A 19 -1.36 -0.43 -3.11
C SER A 19 -0.93 0.34 -4.38
N GLN A 20 -1.37 -0.12 -5.56
CA GLN A 20 -1.03 0.54 -6.83
C GLN A 20 -2.03 1.67 -7.12
N TYR A 21 -1.85 2.79 -6.41
CA TYR A 21 -2.72 3.96 -6.54
C TYR A 21 -1.99 5.23 -6.11
N GLY A 22 -1.49 5.21 -4.88
CA GLY A 22 -0.79 6.35 -4.30
C GLY A 22 -1.15 6.55 -2.84
N PHE A 23 -1.60 5.46 -2.18
CA PHE A 23 -1.99 5.53 -0.77
C PHE A 23 -1.49 4.33 0.04
N CYS A 24 -0.81 4.64 1.15
CA CYS A 24 -0.34 3.65 2.10
C CYS A 24 -1.14 3.75 3.40
N GLY A 25 -1.40 2.61 4.05
CA GLY A 25 -2.17 2.60 5.29
C GLY A 25 -2.59 1.20 5.71
N SER A 26 -3.86 1.05 6.07
CA SER A 26 -4.41 -0.25 6.52
C SER A 26 -5.84 -0.49 6.02
N THR A 27 -6.53 0.60 5.67
CA THR A 27 -7.92 0.54 5.17
C THR A 27 -8.04 -0.31 3.89
N SER A 28 -9.28 -0.74 3.58
CA SER A 28 -9.56 -1.57 2.40
C SER A 28 -9.59 -0.73 1.11
N GLU A 29 -8.42 -0.19 0.76
CA GLU A 29 -8.21 0.64 -0.44
C GLU A 29 -6.74 0.60 -0.80
N TYR A 30 -5.90 0.66 0.24
CA TYR A 30 -4.45 0.61 0.12
C TYR A 30 -3.96 -0.82 0.29
N CYS A 31 -4.76 -1.63 0.98
CA CYS A 31 -4.44 -3.04 1.23
C CYS A 31 -5.70 -3.89 1.22
N SER A 32 -5.98 -4.55 0.09
CA SER A 32 -7.18 -5.41 -0.03
C SER A 32 -6.88 -6.78 -0.65
N ARG A 33 -5.74 -6.90 -1.36
CA ARG A 33 -5.29 -8.14 -2.05
C ARG A 33 -6.13 -8.46 -3.29
N ALA A 34 -7.45 -8.34 -3.16
CA ALA A 34 -8.38 -8.59 -4.27
C ALA A 34 -8.61 -7.33 -5.09
N ASN A 35 -8.54 -6.19 -4.41
CA ASN A 35 -8.72 -4.87 -5.04
C ASN A 35 -7.59 -3.93 -4.63
N GLY A 36 -6.81 -4.35 -3.62
CA GLY A 36 -5.70 -3.54 -3.13
C GLY A 36 -4.51 -4.40 -2.71
N CYS A 37 -3.76 -3.92 -1.71
CA CYS A 37 -2.55 -4.58 -1.16
C CYS A 37 -1.56 -5.00 -2.26
N GLN A 38 -0.45 -4.27 -2.30
CA GLN A 38 0.61 -4.53 -3.26
C GLN A 38 1.94 -4.66 -2.53
N SER A 39 2.07 -3.89 -1.44
CA SER A 39 3.26 -3.92 -0.59
C SER A 39 3.13 -4.99 0.49
N ASN A 40 3.82 -4.78 1.62
CA ASN A 40 3.81 -5.71 2.75
C ASN A 40 2.58 -5.50 3.63
N CYS A 41 1.45 -6.07 3.22
CA CYS A 41 0.21 -5.94 3.98
C CYS A 41 -0.06 -7.18 4.84
N ARG A 42 -0.03 -8.34 4.19
CA ARG A 42 -0.27 -9.63 4.87
C ARG A 42 1.03 -10.40 5.06
N GLY A 43 1.99 -10.17 4.16
CA GLY A 43 3.28 -10.84 4.24
C GLY A 43 3.92 -11.02 2.88
#